data_7NBZ
#
_entry.id   7NBZ
#
_cell.length_a   54.321
_cell.length_b   78.212
_cell.length_c   83.456
_cell.angle_alpha   109.039
_cell.angle_beta   106.865
_cell.angle_gamma   104.766
#
_symmetry.space_group_name_H-M   'P 1'
#
loop_
_entity.id
_entity.type
_entity.pdbx_description
1 polymer 'Sulfoquinovosyl binding protein'
2 non-polymer 'ACETATE ION'
3 water water
#
_entity_poly.entity_id   1
_entity_poly.type   'polypeptide(L)'
_entity_poly.pdbx_seq_one_letter_code
;MDAELKIFVSSQHQPDIWRKALDQYEAKTPGVKVVIETGGNTSEMQAQYLNTVMSAKDSSLDVLMLDVIRPAQFATAGWT
SDFSGKDLSAYLPTYAEANTVNGKIVALPAFADSMFLYYRKDLLDKYGIKPPTTWDELKEASKKVMEGEKNPELQGLSFQ
GKAIEGAVCTFLLPYWSEGKSLVENGKLNFDNKAAVDSLKLWKSFVDDGISKKNISEVATDDTRKEFQAGKVLFAVNWSY
AWTHFQGKESQVNDKVGVARLPAVKGGEQTTCLGGWEFGVSAYSKQQDEAKKLVEYLSSQDVSKFMAINAALLPTYAALY
KDADVTKTIPWFADALPVVETAKARPVTPRYNEVSETIRTTVNGVLAGVMTPEDGAKQMESRLRRVLRLEHHHHHH
;
_entity_poly.pdbx_strand_id   A,B,C
#
loop_
_chem_comp.id
_chem_comp.type
_chem_comp.name
_chem_comp.formula
ACT non-polymer 'ACETATE ION' 'C2 H3 O2 -1'
#
# COMPACT_ATOMS: atom_id res chain seq x y z
N ASP A 2 -8.59 -6.91 21.60
CA ASP A 2 -8.84 -6.43 20.21
C ASP A 2 -8.34 -4.99 20.08
N ALA A 3 -7.33 -4.75 19.27
CA ALA A 3 -6.65 -3.44 19.24
C ALA A 3 -6.25 -3.20 17.80
N GLU A 4 -6.41 -1.97 17.35
CA GLU A 4 -5.83 -1.47 16.09
C GLU A 4 -4.81 -0.40 16.48
N LEU A 5 -3.54 -0.74 16.31
CA LEU A 5 -2.46 0.14 16.80
C LEU A 5 -1.90 0.90 15.62
N LYS A 6 -1.87 2.22 15.72
CA LYS A 6 -1.23 3.08 14.69
C LYS A 6 0.19 3.44 15.16
N ILE A 7 1.15 3.18 14.30
CA ILE A 7 2.59 3.42 14.58
C ILE A 7 3.14 4.43 13.56
N PHE A 8 3.84 5.43 14.06
CA PHE A 8 4.49 6.46 13.22
C PHE A 8 5.91 6.02 12.89
N VAL A 9 6.17 5.70 11.65
CA VAL A 9 7.51 5.40 11.08
C VAL A 9 7.59 6.18 9.76
N SER A 10 8.44 7.19 9.74
CA SER A 10 8.53 8.09 8.55
C SER A 10 9.14 7.37 7.35
N SER A 11 9.03 7.99 6.18
CA SER A 11 9.45 7.33 4.93
C SER A 11 10.95 7.11 4.84
N GLN A 12 11.75 7.76 5.64
CA GLN A 12 13.24 7.56 5.57
C GLN A 12 13.70 6.44 6.50
N HIS A 13 12.78 5.82 7.26
CA HIS A 13 13.13 4.79 8.25
C HIS A 13 12.67 3.42 7.81
N GLN A 14 12.65 3.12 6.52
CA GLN A 14 12.39 1.75 6.00
C GLN A 14 11.13 1.19 6.63
N PRO A 15 9.98 1.91 6.51
CA PRO A 15 8.71 1.38 7.02
C PRO A 15 8.35 0.06 6.33
N ASP A 16 8.73 -0.11 5.08
CA ASP A 16 8.55 -1.38 4.31
C ASP A 16 9.15 -2.57 5.04
N ILE A 17 10.28 -2.42 5.73
CA ILE A 17 10.91 -3.58 6.42
C ILE A 17 10.26 -3.69 7.80
N TRP A 18 10.02 -2.61 8.53
CA TRP A 18 9.27 -2.70 9.81
C TRP A 18 7.94 -3.41 9.55
N ARG A 19 7.30 -3.18 8.40
CA ARG A 19 6.00 -3.82 8.07
C ARG A 19 6.13 -5.35 8.16
N LYS A 20 7.27 -5.91 7.73
CA LYS A 20 7.47 -7.38 7.77
C LYS A 20 7.55 -7.84 9.22
N ALA A 21 8.25 -7.13 10.09
CA ALA A 21 8.25 -7.43 11.54
C ALA A 21 6.88 -7.32 12.13
N LEU A 22 6.10 -6.32 11.77
CA LEU A 22 4.72 -6.14 12.27
C LEU A 22 3.84 -7.31 11.80
N ASP A 23 4.04 -7.79 10.58
CA ASP A 23 3.23 -8.94 10.11
C ASP A 23 3.52 -10.16 10.97
N GLN A 24 4.77 -10.35 11.40
CA GLN A 24 5.08 -11.50 12.27
C GLN A 24 4.40 -11.30 13.63
N TYR A 25 4.38 -10.09 14.13
CA TYR A 25 3.73 -9.82 15.42
C TYR A 25 2.25 -10.14 15.31
N GLU A 26 1.58 -9.67 14.26
CA GLU A 26 0.11 -9.88 14.16
C GLU A 26 -0.18 -11.40 14.04
N ALA A 27 0.66 -12.15 13.36
CA ALA A 27 0.41 -13.59 13.13
C ALA A 27 0.42 -14.37 14.44
N LYS A 28 1.16 -13.92 15.45
CA LYS A 28 1.19 -14.61 16.77
C LYS A 28 0.49 -13.82 17.88
N THR A 29 -0.18 -12.71 17.56
CA THR A 29 -0.82 -11.85 18.56
C THR A 29 -2.25 -11.65 18.08
N PRO A 30 -3.13 -12.67 18.25
CA PRO A 30 -4.45 -12.60 17.65
C PRO A 30 -5.24 -11.39 18.19
N GLY A 31 -5.99 -10.76 17.31
CA GLY A 31 -6.79 -9.59 17.67
C GLY A 31 -6.06 -8.26 17.63
N VAL A 32 -4.77 -8.23 17.36
CA VAL A 32 -3.99 -6.97 17.21
C VAL A 32 -3.64 -6.77 15.74
N LYS A 33 -4.05 -5.61 15.22
CA LYS A 33 -3.73 -5.13 13.86
C LYS A 33 -2.85 -3.90 14.04
N VAL A 34 -1.77 -3.81 13.31
CA VAL A 34 -0.93 -2.58 13.34
C VAL A 34 -0.93 -1.96 11.96
N VAL A 35 -1.06 -0.63 11.97
CA VAL A 35 -1.07 0.21 10.73
C VAL A 35 0.04 1.25 10.82
N ILE A 36 0.83 1.29 9.77
CA ILE A 36 1.94 2.28 9.71
C ILE A 36 1.45 3.61 9.12
N GLU A 37 1.65 4.65 9.87
CA GLU A 37 1.46 6.05 9.47
C GLU A 37 2.82 6.64 9.13
N THR A 38 3.07 7.01 7.91
CA THR A 38 4.36 7.63 7.57
C THR A 38 4.41 9.15 7.83
N GLY A 39 3.26 9.78 8.08
CA GLY A 39 3.22 11.16 8.57
C GLY A 39 2.75 12.19 7.56
N GLY A 40 2.44 11.78 6.33
CA GLY A 40 1.92 12.72 5.32
C GLY A 40 2.67 12.63 4.01
N ASN A 41 2.15 13.36 3.02
CA ASN A 41 2.60 13.14 1.63
C ASN A 41 3.94 13.79 1.31
N THR A 42 4.37 14.80 2.05
CA THR A 42 5.66 15.47 1.77
C THR A 42 6.61 15.25 2.94
N SER A 43 7.90 15.43 2.68
CA SER A 43 8.91 15.36 3.75
C SER A 43 8.58 16.36 4.87
N GLU A 44 8.14 17.59 4.55
CA GLU A 44 7.88 18.61 5.57
C GLU A 44 6.69 18.16 6.44
N MET A 45 5.65 17.58 5.83
CA MET A 45 4.50 17.09 6.59
C MET A 45 4.96 15.99 7.56
N GLN A 46 5.81 15.09 7.08
CA GLN A 46 6.27 14.00 7.97
C GLN A 46 7.07 14.59 9.14
N ALA A 47 7.86 15.63 8.90
CA ALA A 47 8.69 16.26 9.96
C ALA A 47 7.83 17.06 10.94
N GLN A 48 6.60 17.43 10.59
CA GLN A 48 5.69 18.19 11.48
C GLN A 48 4.56 17.32 12.05
N TYR A 49 4.50 16.04 11.65
CA TYR A 49 3.37 15.15 12.02
C TYR A 49 3.19 15.04 13.53
N LEU A 50 4.29 14.67 14.22
CA LEU A 50 4.14 14.43 15.67
C LEU A 50 3.73 15.70 16.44
N ASN A 51 4.34 16.84 16.09
CA ASN A 51 4.02 18.11 16.79
C ASN A 51 2.52 18.39 16.59
N THR A 52 2.03 18.13 15.39
CA THR A 52 0.61 18.39 15.06
C THR A 52 -0.29 17.52 15.93
N VAL A 53 -0.09 16.20 15.90
N VAL A 53 -0.11 16.19 15.82
N VAL A 53 -0.11 16.20 15.93
CA VAL A 53 -1.00 15.24 16.60
CA VAL A 53 -0.82 15.14 16.60
CA VAL A 53 -1.11 15.36 16.64
C VAL A 53 -0.86 15.42 18.12
C VAL A 53 -0.84 15.54 18.07
C VAL A 53 -0.88 15.43 18.17
N MET A 54 0.34 15.62 18.65
CA MET A 54 0.55 15.74 20.11
C MET A 54 0.04 17.10 20.60
N SER A 55 0.25 18.19 19.85
CA SER A 55 -0.27 19.51 20.31
C SER A 55 -1.81 19.44 20.42
N ALA A 56 -2.44 18.66 19.54
CA ALA A 56 -3.91 18.45 19.54
C ALA A 56 -4.35 17.37 20.55
N LYS A 57 -3.42 16.73 21.26
CA LYS A 57 -3.76 15.61 22.18
C LYS A 57 -4.59 14.54 21.44
N ASP A 58 -4.30 14.34 20.15
N ASP A 58 -4.24 14.27 20.17
CA ASP A 58 -5.00 13.35 19.32
CA ASP A 58 -4.95 13.34 19.23
C ASP A 58 -4.69 11.98 19.92
C ASP A 58 -4.69 11.87 19.63
N SER A 59 -5.71 11.17 20.14
CA SER A 59 -5.60 9.87 20.85
C SER A 59 -5.49 8.71 19.87
N SER A 60 -5.45 8.95 18.57
CA SER A 60 -5.43 7.86 17.58
C SER A 60 -4.03 7.24 17.43
N LEU A 61 -2.96 8.00 17.63
CA LEU A 61 -1.60 7.43 17.55
C LEU A 61 -1.30 6.59 18.76
N ASP A 62 -0.71 5.43 18.57
CA ASP A 62 -0.35 4.53 19.68
C ASP A 62 1.17 4.46 19.93
N VAL A 63 1.96 4.34 18.86
CA VAL A 63 3.42 4.08 18.96
C VAL A 63 4.12 5.06 18.02
N LEU A 64 5.28 5.51 18.39
CA LEU A 64 6.03 6.46 17.52
C LEU A 64 7.51 6.13 17.55
N MET A 65 8.13 6.18 16.39
CA MET A 65 9.60 6.18 16.31
C MET A 65 10.08 7.59 16.68
N LEU A 66 11.15 7.73 17.43
CA LEU A 66 11.69 9.03 17.90
C LEU A 66 13.22 8.97 17.94
N ASP A 67 13.85 10.11 17.69
CA ASP A 67 15.31 10.22 17.71
C ASP A 67 15.81 10.02 19.13
N VAL A 68 16.93 9.35 19.29
CA VAL A 68 17.55 9.10 20.61
C VAL A 68 17.82 10.38 21.41
N ILE A 69 17.86 11.56 20.74
CA ILE A 69 18.07 12.84 21.48
C ILE A 69 16.76 13.31 22.12
N ARG A 70 15.59 12.74 21.77
CA ARG A 70 14.26 13.28 22.18
C ARG A 70 13.61 12.67 23.40
N PRO A 71 14.04 11.52 24.01
CA PRO A 71 13.28 10.93 25.12
C PRO A 71 12.87 11.96 26.18
N ALA A 72 13.81 12.77 26.65
CA ALA A 72 13.49 13.68 27.78
C ALA A 72 12.53 14.77 27.32
N GLN A 73 12.74 15.36 26.17
CA GLN A 73 11.84 16.43 25.64
C GLN A 73 10.41 15.86 25.57
N PHE A 74 10.23 14.69 24.93
CA PHE A 74 8.88 14.15 24.68
C PHE A 74 8.23 13.78 26.02
N ALA A 75 8.95 13.16 26.95
CA ALA A 75 8.35 12.78 28.25
C ALA A 75 7.92 14.04 28.99
N THR A 76 8.75 15.06 29.05
CA THR A 76 8.47 16.32 29.79
C THR A 76 7.32 17.09 29.13
N ALA A 77 7.14 17.00 27.82
CA ALA A 77 6.07 17.69 27.06
C ALA A 77 4.72 17.01 27.33
N GLY A 78 4.69 15.79 27.88
CA GLY A 78 3.44 15.03 28.08
C GLY A 78 3.12 14.14 26.88
N TRP A 79 4.07 13.93 25.96
CA TRP A 79 3.79 13.23 24.69
C TRP A 79 3.89 11.71 24.87
N THR A 80 4.77 11.25 25.74
CA THR A 80 5.09 9.81 25.82
C THR A 80 4.80 9.25 27.20
N SER A 81 4.48 7.96 27.23
CA SER A 81 4.25 7.17 28.45
C SER A 81 5.56 6.60 29.00
N ASP A 82 5.53 6.26 30.26
CA ASP A 82 6.68 5.56 30.84
C ASP A 82 6.38 4.06 30.88
N PHE A 83 7.47 3.31 30.92
CA PHE A 83 7.44 1.85 31.02
C PHE A 83 7.84 1.51 32.43
N SER A 84 6.85 1.38 33.30
CA SER A 84 7.16 1.23 34.72
C SER A 84 7.95 -0.07 34.94
N GLY A 85 9.04 -0.02 35.68
CA GLY A 85 9.83 -1.22 36.04
C GLY A 85 10.65 -1.80 34.89
N LYS A 86 10.94 -1.04 33.83
CA LYS A 86 11.59 -1.60 32.61
C LYS A 86 13.09 -1.71 32.82
N ASP A 87 13.70 -2.82 32.46
CA ASP A 87 15.17 -3.07 32.56
C ASP A 87 15.74 -2.91 31.13
N LEU A 88 16.65 -1.96 30.94
CA LEU A 88 17.37 -1.80 29.65
C LEU A 88 18.80 -2.34 29.70
N SER A 89 19.14 -3.11 30.71
CA SER A 89 20.52 -3.62 30.87
C SER A 89 20.96 -4.56 29.75
N ALA A 90 20.04 -5.18 29.01
CA ALA A 90 20.44 -6.18 27.99
C ALA A 90 20.97 -5.51 26.73
N TYR A 91 20.56 -4.25 26.54
CA TYR A 91 20.98 -3.46 25.36
C TYR A 91 22.40 -2.95 25.52
N LEU A 92 22.94 -2.32 24.47
CA LEU A 92 24.23 -1.61 24.59
C LEU A 92 24.18 -0.71 25.81
N PRO A 93 25.33 -0.56 26.49
CA PRO A 93 25.31 -0.03 27.85
C PRO A 93 24.77 1.39 28.03
N THR A 94 24.89 2.29 27.07
CA THR A 94 24.44 3.67 27.42
C THR A 94 22.95 3.85 27.10
N TYR A 95 22.24 2.81 26.67
CA TYR A 95 20.78 2.95 26.49
C TYR A 95 20.06 3.23 27.80
N ALA A 96 20.46 2.65 28.93
CA ALA A 96 19.74 2.92 30.20
C ALA A 96 19.79 4.42 30.47
N GLU A 97 20.96 5.03 30.39
CA GLU A 97 21.13 6.48 30.64
C GLU A 97 20.32 7.27 29.62
N ALA A 98 20.38 6.91 28.34
CA ALA A 98 19.69 7.67 27.27
C ALA A 98 18.17 7.71 27.48
N ASN A 99 17.57 6.76 28.18
CA ASN A 99 16.10 6.59 28.24
C ASN A 99 15.52 6.76 29.64
N THR A 100 16.36 7.13 30.60
CA THR A 100 15.87 7.30 32.00
C THR A 100 15.67 8.80 32.28
N VAL A 101 14.42 9.17 32.44
CA VAL A 101 14.02 10.58 32.65
C VAL A 101 13.17 10.66 33.91
N ASN A 102 13.65 11.40 34.93
CA ASN A 102 12.94 11.51 36.24
C ASN A 102 12.82 10.11 36.85
N GLY A 103 13.86 9.27 36.70
CA GLY A 103 13.90 7.89 37.19
C GLY A 103 13.02 6.90 36.43
N LYS A 104 12.45 7.31 35.30
CA LYS A 104 11.53 6.42 34.55
C LYS A 104 12.04 6.12 33.14
N ILE A 105 11.78 4.91 32.66
CA ILE A 105 12.15 4.56 31.25
C ILE A 105 11.06 5.12 30.33
N VAL A 106 11.46 5.95 29.39
CA VAL A 106 10.42 6.67 28.57
C VAL A 106 10.55 6.36 27.07
N ALA A 107 11.41 5.41 26.69
CA ALA A 107 11.53 4.95 25.29
C ALA A 107 12.34 3.66 25.32
N LEU A 108 12.21 2.85 24.27
CA LEU A 108 13.01 1.62 24.11
C LEU A 108 13.81 1.69 22.80
N PRO A 109 15.01 1.13 22.73
CA PRO A 109 15.82 1.17 21.51
C PRO A 109 15.12 0.56 20.30
N ALA A 110 15.31 1.15 19.15
CA ALA A 110 14.82 0.62 17.86
C ALA A 110 15.97 0.13 17.01
N PHE A 111 16.96 0.97 16.77
CA PHE A 111 18.19 0.57 16.07
C PHE A 111 19.28 1.57 16.48
N ALA A 112 20.50 1.12 16.43
CA ALA A 112 21.66 1.90 16.90
C ALA A 112 22.33 2.66 15.78
N ASP A 113 23.18 3.60 16.18
CA ASP A 113 24.13 4.26 15.28
C ASP A 113 25.20 4.86 16.19
N SER A 114 26.36 5.14 15.61
N SER A 114 26.37 5.10 15.61
CA SER A 114 27.43 5.89 16.29
CA SER A 114 27.52 5.76 16.28
C SER A 114 28.37 6.48 15.26
C SER A 114 28.31 6.51 15.23
N MET A 115 29.15 7.42 15.71
CA MET A 115 30.25 7.92 14.85
C MET A 115 31.38 6.89 14.85
N PHE A 116 32.01 6.78 13.69
CA PHE A 116 33.16 5.89 13.45
C PHE A 116 34.30 6.71 12.87
N LEU A 117 35.52 6.27 13.16
CA LEU A 117 36.66 6.87 12.43
C LEU A 117 36.84 6.00 11.17
N TYR A 118 36.31 6.43 10.05
CA TYR A 118 36.61 5.73 8.78
C TYR A 118 38.02 6.15 8.33
N TYR A 119 38.79 5.22 7.79
CA TYR A 119 40.16 5.59 7.37
C TYR A 119 40.58 4.81 6.13
N ARG A 120 41.47 5.43 5.34
CA ARG A 120 42.05 4.79 4.13
C ARG A 120 43.10 3.77 4.59
N LYS A 121 42.70 2.49 4.66
CA LYS A 121 43.58 1.40 5.15
C LYS A 121 44.83 1.28 4.27
N ASP A 122 44.63 1.51 2.99
CA ASP A 122 45.72 1.51 1.99
C ASP A 122 46.84 2.49 2.35
N LEU A 123 46.51 3.74 2.70
CA LEU A 123 47.54 4.76 2.97
C LEU A 123 48.27 4.47 4.28
N LEU A 124 47.53 4.06 5.32
CA LEU A 124 48.22 3.68 6.57
C LEU A 124 49.25 2.58 6.25
N LYS A 126 50.82 1.56 3.73
CA LYS A 126 51.81 2.20 2.81
C LYS A 126 52.92 2.83 3.63
N TYR A 127 52.55 3.56 4.69
CA TYR A 127 53.56 4.23 5.54
C TYR A 127 53.77 3.49 6.86
N GLY A 128 53.15 2.31 7.03
CA GLY A 128 53.41 1.47 8.21
C GLY A 128 52.76 1.99 9.47
N ILE A 129 51.68 2.73 9.32
CA ILE A 129 51.01 3.36 10.50
C ILE A 129 49.84 2.50 10.95
N LYS A 130 49.80 2.24 12.22
CA LYS A 130 48.67 1.52 12.84
C LYS A 130 47.60 2.56 13.01
N PRO A 131 46.14 2.32 13.02
CA PRO A 131 45.07 3.31 13.24
C PRO A 131 45.35 4.11 14.51
N PRO A 132 45.16 5.45 14.46
CA PRO A 132 45.49 6.30 15.58
C PRO A 132 44.57 6.14 16.79
N THR A 133 45.12 6.17 18.00
CA THR A 133 44.35 5.95 19.26
C THR A 133 44.20 7.29 20.02
N THR A 134 44.98 8.29 19.61
CA THR A 134 44.94 9.67 20.20
C THR A 134 44.94 10.67 19.06
N TRP A 135 44.47 11.89 19.34
CA TRP A 135 44.45 12.92 18.27
C TRP A 135 45.89 13.26 17.88
N ASP A 136 46.80 13.29 18.84
CA ASP A 136 48.26 13.46 18.51
C ASP A 136 48.72 12.36 17.54
N GLU A 137 48.37 11.09 17.80
CA GLU A 137 48.71 10.04 16.82
C GLU A 137 48.05 10.36 15.48
N LEU A 138 46.79 10.85 15.50
CA LEU A 138 46.12 11.11 14.20
C LEU A 138 46.85 12.23 13.46
N LYS A 139 47.32 13.22 14.21
CA LYS A 139 48.02 14.37 13.59
C LYS A 139 49.35 13.85 12.99
N GLU A 140 50.09 13.10 13.80
CA GLU A 140 51.39 12.54 13.35
C GLU A 140 51.11 11.66 12.13
N ALA A 141 50.06 10.83 12.22
CA ALA A 141 49.70 9.98 11.08
C ALA A 141 49.37 10.82 9.86
N SER A 142 48.59 11.87 10.05
CA SER A 142 48.21 12.71 8.89
C SER A 142 49.47 13.36 8.29
N LYS A 143 50.38 13.80 9.14
CA LYS A 143 51.62 14.49 8.69
C LYS A 143 52.42 13.52 7.79
N LYS A 144 52.65 12.30 8.28
CA LYS A 144 53.41 11.22 7.58
C LYS A 144 52.79 10.94 6.20
N VAL A 145 51.49 10.65 6.15
CA VAL A 145 50.80 10.30 4.88
C VAL A 145 50.78 11.50 3.93
N MET A 146 50.43 12.67 4.45
CA MET A 146 50.32 13.87 3.59
C MET A 146 51.68 14.30 3.01
N GLU A 147 52.75 14.19 3.78
CA GLU A 147 54.14 14.52 3.33
C GLU A 147 54.58 13.49 2.31
N GLY A 148 54.19 12.23 2.49
CA GLY A 148 54.52 11.15 1.55
C GLY A 148 53.82 11.29 0.20
N GLU A 149 52.54 11.62 0.21
CA GLU A 149 51.77 11.65 -1.06
C GLU A 149 52.01 12.96 -1.85
N LEU A 154 44.36 15.87 -1.09
CA LEU A 154 44.13 14.87 -0.02
C LEU A 154 43.99 15.63 1.31
N GLN A 155 42.90 15.38 2.02
CA GLN A 155 42.62 16.01 3.35
C GLN A 155 43.03 15.01 4.42
N GLY A 156 43.62 15.48 5.51
CA GLY A 156 43.98 14.59 6.61
C GLY A 156 42.74 14.13 7.39
N LEU A 157 41.93 15.09 7.82
CA LEU A 157 40.72 14.77 8.63
C LEU A 157 39.50 15.55 8.15
N SER A 158 38.41 14.88 7.82
CA SER A 158 37.11 15.52 7.57
C SER A 158 36.22 15.24 8.79
N PHE A 159 35.65 16.30 9.34
CA PHE A 159 34.66 16.28 10.45
C PHE A 159 33.59 17.35 10.17
N GLN A 160 32.48 17.30 10.90
CA GLN A 160 31.39 18.26 10.65
C GLN A 160 31.61 19.55 11.45
N GLY A 161 31.79 20.66 10.71
CA GLY A 161 31.93 22.00 11.30
C GLY A 161 30.75 22.91 11.02
N LYS A 162 29.80 22.54 10.18
CA LYS A 162 28.58 23.35 9.97
C LYS A 162 27.79 23.44 11.28
N ALA A 163 26.95 24.45 11.46
CA ALA A 163 26.17 24.63 12.69
C ALA A 163 24.96 23.71 12.70
N ILE A 164 25.26 22.41 12.81
CA ILE A 164 24.29 21.28 12.73
C ILE A 164 24.50 20.36 13.90
N GLU A 165 23.60 19.42 14.12
CA GLU A 165 23.67 18.49 15.26
C GLU A 165 25.02 17.77 15.25
N GLY A 166 25.58 17.45 14.09
CA GLY A 166 26.88 16.75 14.02
C GLY A 166 27.99 17.54 14.71
N ALA A 167 27.94 18.89 14.68
CA ALA A 167 28.97 19.71 15.33
C ALA A 167 28.88 19.60 16.85
N VAL A 168 27.70 19.30 17.41
CA VAL A 168 27.56 19.05 18.86
C VAL A 168 28.32 17.79 19.22
N CYS A 169 28.14 16.79 18.40
CA CYS A 169 28.79 15.48 18.56
C CYS A 169 30.31 15.71 18.48
N THR A 170 30.75 16.48 17.48
CA THR A 170 32.18 16.87 17.33
C THR A 170 32.69 17.48 18.65
N PHE A 171 32.04 18.50 19.16
CA PHE A 171 32.50 19.15 20.42
C PHE A 171 32.64 18.14 21.56
N LEU A 172 31.70 17.23 21.65
CA LEU A 172 31.63 16.32 22.80
C LEU A 172 32.69 15.21 22.72
N LEU A 173 33.23 14.85 21.57
CA LEU A 173 34.20 13.71 21.59
C LEU A 173 35.42 14.01 22.50
N PRO A 174 36.10 15.17 22.40
CA PRO A 174 37.23 15.45 23.32
C PRO A 174 36.78 15.77 24.75
N TYR A 175 35.61 16.36 24.88
CA TYR A 175 35.03 16.68 26.21
C TYR A 175 34.82 15.37 27.00
N TRP A 176 34.11 14.42 26.40
CA TRP A 176 33.88 13.08 26.97
C TRP A 176 35.22 12.36 27.20
N SER A 177 36.19 12.53 26.30
CA SER A 177 37.48 11.79 26.39
C SER A 177 38.23 12.17 27.66
N GLU A 178 38.03 13.40 28.13
CA GLU A 178 38.62 13.91 29.39
C GLU A 178 37.78 13.44 30.59
N GLY A 179 36.73 12.65 30.34
CA GLY A 179 35.88 12.05 31.38
C GLY A 179 34.79 13.00 31.85
N LYS A 180 34.56 14.06 31.11
CA LYS A 180 33.61 15.10 31.53
C LYS A 180 32.22 14.87 30.92
N SER A 181 31.17 15.20 31.65
CA SER A 181 29.76 15.13 31.20
C SER A 181 29.18 16.53 31.37
N LEU A 182 28.57 17.05 30.33
CA LEU A 182 28.18 18.48 30.30
C LEU A 182 26.90 18.67 31.11
N VAL A 183 26.09 17.61 31.16
CA VAL A 183 24.76 17.66 31.80
C VAL A 183 24.59 16.39 32.63
N GLU A 184 24.30 16.58 33.90
CA GLU A 184 24.19 15.46 34.85
C GLU A 184 22.87 15.59 35.62
N LYS A 187 21.15 18.84 34.92
CA LYS A 187 21.81 20.05 35.46
C LYS A 187 23.14 20.25 34.75
N LEU A 188 23.52 21.50 34.57
CA LEU A 188 24.75 21.88 33.84
C LEU A 188 25.98 21.63 34.74
N ASN A 189 26.98 20.90 34.27
CA ASN A 189 28.32 20.77 34.89
C ASN A 189 29.39 21.16 33.86
N PHE A 190 29.64 22.47 33.73
CA PHE A 190 30.47 23.05 32.66
C PHE A 190 31.94 23.12 33.09
N ASP A 191 32.82 22.38 32.42
CA ASP A 191 34.28 22.45 32.66
C ASP A 191 34.92 23.34 31.60
N ASN A 192 35.24 24.58 31.97
CA ASN A 192 35.83 25.58 31.03
C ASN A 192 37.05 25.00 30.32
N LYS A 193 38.03 24.45 31.04
CA LYS A 193 39.28 24.00 30.38
C LYS A 193 38.92 22.96 29.31
N ALA A 194 38.10 21.96 29.66
CA ALA A 194 37.73 20.88 28.71
C ALA A 194 36.97 21.48 27.51
N ALA A 195 36.12 22.48 27.71
CA ALA A 195 35.32 23.10 26.61
C ALA A 195 36.28 23.88 25.72
N VAL A 196 37.15 24.70 26.31
CA VAL A 196 38.17 25.46 25.53
C VAL A 196 39.09 24.49 24.81
N ASP A 197 39.51 23.40 25.47
CA ASP A 197 40.46 22.44 24.85
C ASP A 197 39.80 21.71 23.67
N SER A 198 38.52 21.41 23.79
CA SER A 198 37.80 20.79 22.65
C SER A 198 37.78 21.75 21.46
N LEU A 199 37.33 22.98 21.67
CA LEU A 199 37.29 23.98 20.57
C LEU A 199 38.70 24.21 19.97
N LYS A 200 39.71 24.32 20.81
CA LYS A 200 41.09 24.52 20.28
C LYS A 200 41.53 23.31 19.49
N LEU A 201 41.17 22.11 19.92
CA LEU A 201 41.58 20.91 19.17
C LEU A 201 41.03 20.91 17.75
N TRP A 202 39.73 21.13 17.63
CA TRP A 202 39.14 21.12 16.27
C TRP A 202 39.72 22.24 15.40
N LYS A 203 39.96 23.42 15.99
N LYS A 203 39.96 23.41 16.00
CA LYS A 203 40.57 24.54 15.24
CA LYS A 203 40.56 25.34 14.35
CA LYS A 203 40.57 24.51 15.23
C LYS A 203 42.04 24.22 14.91
C LYS A 203 42.04 24.22 14.92
N SER A 204 42.73 23.46 15.77
CA SER A 204 44.16 23.12 15.54
C SER A 204 44.30 22.28 14.27
N PHE A 205 43.34 21.41 13.95
CA PHE A 205 43.42 20.66 12.67
C PHE A 205 43.44 21.64 11.49
N VAL A 206 42.63 22.70 11.54
CA VAL A 206 42.62 23.67 10.43
C VAL A 206 43.96 24.44 10.44
N ASP A 207 44.40 24.89 11.60
CA ASP A 207 45.66 25.68 11.70
C ASP A 207 46.89 24.85 11.24
N ASP A 208 46.90 23.55 11.61
CA ASP A 208 48.05 22.65 11.31
C ASP A 208 47.99 22.09 9.88
N GLY A 209 46.98 22.46 9.09
CA GLY A 209 46.73 22.01 7.71
C GLY A 209 46.21 20.58 7.58
N ILE A 210 45.87 19.93 8.69
CA ILE A 210 45.34 18.55 8.75
C ILE A 210 43.89 18.53 8.23
N SER A 211 43.15 19.61 8.42
CA SER A 211 41.78 19.75 7.87
C SER A 211 41.75 20.97 6.94
N LYS A 212 40.82 21.01 6.00
CA LYS A 212 40.73 22.08 4.99
C LYS A 212 40.29 23.39 5.68
N LYS A 213 40.67 24.52 5.09
CA LYS A 213 40.34 25.88 5.60
C LYS A 213 38.83 26.07 5.83
N ASN A 214 37.96 25.47 5.02
CA ASN A 214 36.50 25.72 5.05
C ASN A 214 35.74 24.53 5.68
N ILE A 215 36.37 23.85 6.66
CA ILE A 215 35.68 22.76 7.42
C ILE A 215 34.41 23.29 8.07
N SER A 216 34.31 24.59 8.35
CA SER A 216 33.09 25.21 8.94
C SER A 216 31.85 25.06 8.04
N GLU A 217 32.08 24.66 6.79
CA GLU A 217 31.02 24.50 5.77
C GLU A 217 30.62 23.02 5.59
N VAL A 218 31.29 22.10 6.31
CA VAL A 218 31.16 20.63 6.07
C VAL A 218 30.02 20.03 6.88
N ALA A 219 28.95 19.56 6.22
CA ALA A 219 27.83 18.78 6.80
C ALA A 219 28.15 17.28 6.72
N THR A 220 27.34 16.47 7.38
CA THR A 220 27.58 15.01 7.51
C THR A 220 27.80 14.38 6.12
N ASP A 221 26.98 14.72 5.14
CA ASP A 221 27.10 14.03 3.83
C ASP A 221 28.25 14.62 2.98
N ASP A 222 28.74 15.81 3.28
CA ASP A 222 29.95 16.38 2.64
C ASP A 222 31.17 15.53 3.00
N THR A 223 31.33 15.19 4.29
CA THR A 223 32.40 14.27 4.72
C THR A 223 32.23 12.96 3.92
N ARG A 224 31.02 12.43 3.87
CA ARG A 224 30.77 11.11 3.22
C ARG A 224 31.20 11.17 1.75
N LYS A 225 30.68 12.13 1.02
CA LYS A 225 31.04 12.28 -0.43
C LYS A 225 32.54 12.50 -0.64
N GLU A 226 33.20 13.33 0.16
CA GLU A 226 34.64 13.64 -0.03
C GLU A 226 35.54 12.45 0.29
N PHE A 227 35.20 11.69 1.31
CA PHE A 227 35.99 10.49 1.63
C PHE A 227 35.75 9.49 0.49
N GLN A 228 34.51 9.42 0.04
CA GLN A 228 34.13 8.43 -1.02
C GLN A 228 34.89 8.73 -2.32
N ALA A 229 35.19 10.00 -2.58
CA ALA A 229 35.95 10.48 -3.76
C ALA A 229 37.45 10.23 -3.63
N GLY A 230 37.95 9.67 -2.54
CA GLY A 230 39.38 9.39 -2.34
C GLY A 230 40.17 10.61 -1.89
N LYS A 231 39.49 11.63 -1.37
CA LYS A 231 40.20 12.88 -1.01
C LYS A 231 40.39 13.03 0.51
N VAL A 232 40.08 12.00 1.28
CA VAL A 232 40.14 12.12 2.77
C VAL A 232 40.87 10.93 3.41
N LEU A 233 41.87 11.15 4.24
CA LEU A 233 42.58 10.03 4.90
C LEU A 233 41.73 9.49 6.08
N PHE A 234 41.19 10.39 6.89
CA PHE A 234 40.41 10.05 8.11
C PHE A 234 39.09 10.80 8.08
N ALA A 235 37.97 10.09 8.25
CA ALA A 235 36.63 10.73 8.17
C ALA A 235 35.74 10.34 9.37
N VAL A 236 35.17 11.34 10.04
CA VAL A 236 34.21 11.07 11.12
C VAL A 236 32.83 10.92 10.47
N ASN A 237 32.15 9.78 10.61
CA ASN A 237 30.80 9.66 10.08
C ASN A 237 30.04 8.51 10.74
N TRP A 238 28.82 8.32 10.32
CA TRP A 238 27.84 7.39 10.95
C TRP A 238 27.74 6.11 10.11
N SER A 239 26.89 5.18 10.51
CA SER A 239 26.87 3.83 9.89
C SER A 239 26.47 3.85 8.42
N TYR A 240 25.59 4.75 8.00
CA TYR A 240 25.03 4.74 6.61
C TYR A 240 26.19 4.91 5.61
N ALA A 241 27.32 5.50 5.97
CA ALA A 241 28.42 5.82 5.02
C ALA A 241 29.04 4.54 4.44
N TRP A 242 29.11 3.45 5.19
CA TRP A 242 29.95 2.29 4.76
C TRP A 242 29.47 1.78 3.39
N THR A 243 28.15 1.57 3.23
CA THR A 243 27.59 0.99 1.98
C THR A 243 27.90 1.93 0.81
N HIS A 244 27.88 3.24 1.02
CA HIS A 244 28.26 4.23 -0.03
C HIS A 244 29.69 3.96 -0.47
N PHE A 245 30.62 3.86 0.47
CA PHE A 245 32.06 3.66 0.23
C PHE A 245 32.32 2.35 -0.53
N GLN A 246 31.48 1.35 -0.31
CA GLN A 246 31.71 0.01 -0.91
C GLN A 246 30.85 -0.13 -2.16
N GLY A 247 30.11 0.91 -2.49
CA GLY A 247 29.18 0.87 -3.62
C GLY A 247 29.78 1.25 -4.97
N LYS A 248 28.89 1.55 -5.91
CA LYS A 248 29.31 1.87 -7.30
C LYS A 248 30.00 3.23 -7.36
N SER A 250 31.65 5.28 -6.25
CA SER A 250 32.66 5.38 -5.16
C SER A 250 34.05 5.08 -5.70
N GLN A 251 35.10 5.65 -5.10
CA GLN A 251 36.50 5.45 -5.50
C GLN A 251 37.33 4.88 -4.35
N VAL A 252 36.68 4.26 -3.34
CA VAL A 252 37.41 3.76 -2.13
C VAL A 252 37.06 2.30 -1.80
N ASN A 253 36.48 1.54 -2.76
CA ASN A 253 36.13 0.11 -2.50
C ASN A 253 37.35 -0.61 -1.92
N ASP A 254 37.16 -1.40 -0.87
CA ASP A 254 38.20 -2.25 -0.23
C ASP A 254 39.39 -1.46 0.34
N LYS A 255 39.30 -0.11 0.45
CA LYS A 255 40.40 0.70 1.04
C LYS A 255 39.91 1.42 2.31
N VAL A 256 38.80 0.94 2.89
CA VAL A 256 38.19 1.58 4.09
C VAL A 256 38.30 0.69 5.33
N GLY A 257 38.94 1.24 6.34
CA GLY A 257 39.02 0.65 7.67
C GLY A 257 38.01 1.38 8.56
N VAL A 258 37.64 0.73 9.66
CA VAL A 258 36.68 1.29 10.64
C VAL A 258 37.36 1.17 11.99
N ALA A 259 37.51 2.27 12.70
CA ALA A 259 38.16 2.23 14.01
C ALA A 259 37.39 3.05 15.04
N ARG A 260 37.76 2.92 16.32
CA ARG A 260 37.32 3.80 17.42
C ARG A 260 37.82 5.21 17.13
N LEU A 261 37.06 6.21 17.60
CA LEU A 261 37.50 7.61 17.49
C LEU A 261 38.64 7.80 18.48
N PRO A 262 39.67 8.59 18.10
CA PRO A 262 40.77 8.86 19.02
C PRO A 262 40.38 9.51 20.34
N ALA A 263 41.24 9.30 21.31
CA ALA A 263 41.14 9.95 22.62
C ALA A 263 42.04 11.17 22.59
N VAL A 264 41.78 12.04 23.52
CA VAL A 264 42.74 13.15 23.73
C VAL A 264 43.86 12.53 24.58
N GLY A 266 45.87 11.02 26.87
CA GLY A 266 45.70 10.38 28.18
C GLY A 266 44.25 10.14 28.53
N GLY A 267 43.37 10.31 27.54
CA GLY A 267 41.92 10.18 27.75
C GLY A 267 41.35 8.85 27.28
N GLU A 268 40.03 8.85 27.15
CA GLU A 268 39.25 7.65 26.78
C GLU A 268 38.78 7.76 25.33
N GLN A 269 38.80 6.65 24.58
CA GLN A 269 38.19 6.60 23.22
C GLN A 269 36.67 6.51 23.36
N THR A 270 35.98 7.55 22.86
CA THR A 270 34.50 7.71 22.95
C THR A 270 33.89 7.91 21.57
N THR A 271 32.61 7.63 21.49
CA THR A 271 31.78 8.05 20.35
C THR A 271 30.41 8.44 20.86
N CYS A 272 29.56 8.84 19.92
N CYS A 272 29.56 8.87 19.95
CA CYS A 272 28.19 9.29 20.18
CA CYS A 272 28.22 9.36 20.30
C CYS A 272 27.19 8.12 20.00
C CYS A 272 27.14 8.34 19.93
N LEU A 273 26.25 8.03 20.88
CA LEU A 273 25.07 7.11 20.70
C LEU A 273 24.03 7.77 19.80
N GLY A 274 23.85 7.29 18.58
CA GLY A 274 22.82 7.79 17.67
C GLY A 274 21.67 6.80 17.50
N GLY A 275 21.06 6.84 16.33
CA GLY A 275 19.94 5.97 15.99
C GLY A 275 18.63 6.43 16.59
N TRP A 276 17.65 5.54 16.57
CA TRP A 276 16.22 5.81 16.80
C TRP A 276 15.63 4.81 17.79
N GLU A 277 14.52 5.20 18.38
CA GLU A 277 13.85 4.50 19.47
C GLU A 277 12.37 4.44 19.24
N PHE A 278 11.66 3.69 20.07
CA PHE A 278 10.19 3.67 20.08
C PHE A 278 9.66 4.18 21.39
N GLY A 279 8.60 4.98 21.32
CA GLY A 279 7.80 5.35 22.49
C GLY A 279 6.32 5.07 22.31
N VAL A 280 5.57 5.15 23.42
CA VAL A 280 4.10 4.99 23.41
C VAL A 280 3.53 6.38 23.59
N SER A 281 2.53 6.75 22.82
CA SER A 281 1.84 8.04 22.98
C SER A 281 1.14 8.09 24.36
N ALA A 282 1.39 9.14 25.13
CA ALA A 282 0.66 9.40 26.40
C ALA A 282 -0.84 9.57 26.16
N TYR A 283 -1.26 9.86 24.95
CA TYR A 283 -2.70 10.04 24.65
C TYR A 283 -3.32 8.80 24.04
N SER A 284 -2.56 7.74 23.84
CA SER A 284 -3.11 6.47 23.35
C SER A 284 -4.16 5.92 24.32
N LYS A 285 -5.25 5.41 23.74
CA LYS A 285 -6.34 4.75 24.51
C LYS A 285 -6.02 3.27 24.66
N GLN A 286 -4.86 2.80 24.19
CA GLN A 286 -4.50 1.37 24.14
C GLN A 286 -3.11 1.18 24.76
N GLN A 287 -2.90 1.72 25.94
CA GLN A 287 -1.57 1.77 26.58
C GLN A 287 -0.95 0.38 26.65
N ASP A 288 -1.66 -0.60 27.20
CA ASP A 288 -1.06 -1.93 27.43
C ASP A 288 -0.67 -2.57 26.08
N GLU A 289 -1.53 -2.54 25.11
CA GLU A 289 -1.23 -3.18 23.81
C GLU A 289 -0.12 -2.42 23.09
N ALA A 290 -0.06 -1.10 23.19
CA ALA A 290 0.99 -0.29 22.58
C ALA A 290 2.32 -0.67 23.24
N LYS A 291 2.38 -0.79 24.55
CA LYS A 291 3.64 -1.14 25.25
C LYS A 291 4.08 -2.54 24.80
N LYS A 292 3.17 -3.50 24.73
CA LYS A 292 3.54 -4.87 24.29
C LYS A 292 4.14 -4.84 22.88
N LEU A 293 3.57 -4.01 22.01
CA LEU A 293 4.15 -3.93 20.64
C LEU A 293 5.58 -3.37 20.70
N VAL A 294 5.79 -2.33 21.45
CA VAL A 294 7.14 -1.74 21.62
C VAL A 294 8.12 -2.79 22.22
N GLU A 295 7.67 -3.56 23.19
CA GLU A 295 8.53 -4.64 23.74
C GLU A 295 8.93 -5.62 22.64
N TYR A 296 7.99 -5.96 21.74
CA TYR A 296 8.31 -6.90 20.65
C TYR A 296 9.30 -6.23 19.66
N LEU A 297 9.03 -4.98 19.29
CA LEU A 297 9.86 -4.34 18.23
C LEU A 297 11.29 -4.08 18.71
N SER A 298 11.47 -4.00 20.01
CA SER A 298 12.76 -3.80 20.69
C SER A 298 13.33 -5.12 21.22
N SER A 299 12.77 -6.27 20.89
CA SER A 299 13.33 -7.58 21.29
C SER A 299 14.53 -7.91 20.45
N GLN A 300 15.40 -8.78 21.01
CA GLN A 300 16.63 -9.12 20.26
C GLN A 300 16.28 -9.81 18.94
N ASP A 301 15.27 -10.67 18.92
CA ASP A 301 14.98 -11.37 17.65
C ASP A 301 14.54 -10.35 16.57
N VAL A 302 13.87 -9.29 16.93
CA VAL A 302 13.47 -8.24 15.95
C VAL A 302 14.64 -7.35 15.58
N SER A 303 15.52 -7.04 16.54
CA SER A 303 16.75 -6.30 16.21
C SER A 303 17.54 -7.08 15.16
N LYS A 304 17.63 -8.39 15.37
CA LYS A 304 18.36 -9.26 14.41
C LYS A 304 17.66 -9.20 13.06
N PHE A 305 16.34 -9.36 13.00
CA PHE A 305 15.60 -9.31 11.73
C PHE A 305 15.92 -7.98 11.00
N MET A 306 15.88 -6.86 11.71
CA MET A 306 16.13 -5.53 11.14
C MET A 306 17.58 -5.37 10.68
N ALA A 307 18.56 -6.00 11.31
CA ALA A 307 19.97 -5.99 10.86
C ALA A 307 20.06 -6.68 9.52
N ILE A 308 19.50 -7.87 9.44
CA ILE A 308 19.59 -8.72 8.22
C ILE A 308 18.78 -8.12 7.10
N ASN A 309 17.61 -7.57 7.35
CA ASN A 309 16.67 -7.19 6.27
C ASN A 309 16.74 -5.71 5.96
N ALA A 310 17.24 -4.86 6.83
CA ALA A 310 17.32 -3.39 6.58
C ALA A 310 18.73 -2.83 6.78
N ALA A 311 19.69 -3.67 7.15
CA ALA A 311 21.08 -3.23 7.43
C ALA A 311 21.15 -2.16 8.51
N LEU A 312 20.28 -2.29 9.51
CA LEU A 312 20.32 -1.37 10.67
C LEU A 312 21.18 -1.96 11.77
N LEU A 313 22.02 -1.14 12.36
CA LEU A 313 22.95 -1.60 13.43
C LEU A 313 22.11 -2.06 14.62
N PRO A 314 22.37 -3.27 15.16
CA PRO A 314 21.59 -3.77 16.27
C PRO A 314 21.82 -3.05 17.59
N THR A 315 20.89 -3.22 18.52
CA THR A 315 20.90 -2.56 19.85
C THR A 315 21.43 -3.49 20.93
N TYR A 316 21.80 -4.72 20.56
CA TYR A 316 22.35 -5.78 21.44
C TYR A 316 23.75 -6.13 20.93
N ALA A 317 24.74 -6.03 21.81
CA ALA A 317 26.13 -6.35 21.47
C ALA A 317 26.27 -7.78 20.87
N ALA A 318 25.53 -8.72 21.41
CA ALA A 318 25.66 -10.13 20.97
C ALA A 318 25.36 -10.25 19.49
N LEU A 319 24.46 -9.42 18.93
CA LEU A 319 24.08 -9.60 17.50
C LEU A 319 25.20 -9.19 16.55
N TYR A 320 26.19 -8.44 17.02
CA TYR A 320 27.37 -8.07 16.18
C TYR A 320 28.29 -9.30 16.01
N LYS A 321 28.09 -10.35 16.81
CA LYS A 321 28.89 -11.62 16.71
C LYS A 321 28.03 -12.74 16.12
N ASP A 322 26.77 -12.50 15.86
CA ASP A 322 25.84 -13.56 15.38
C ASP A 322 26.22 -13.95 13.94
N ALA A 323 26.37 -15.25 13.69
CA ALA A 323 26.86 -15.71 12.37
C ALA A 323 25.90 -15.32 11.23
N ASP A 324 24.61 -15.24 11.50
CA ASP A 324 23.66 -14.89 10.42
C ASP A 324 23.81 -13.39 10.09
N VAL A 325 24.01 -12.58 11.11
CA VAL A 325 24.19 -11.12 10.89
C VAL A 325 25.51 -10.87 10.16
N THR A 326 26.61 -11.50 10.58
CA THR A 326 27.95 -11.19 10.01
C THR A 326 28.08 -11.84 8.62
N LYS A 327 27.31 -12.87 8.31
CA LYS A 327 27.28 -13.43 6.93
C LYS A 327 26.68 -12.36 6.03
N THR A 328 25.61 -11.71 6.49
CA THR A 328 24.82 -10.78 5.67
C THR A 328 25.56 -9.44 5.59
N ILE A 329 26.11 -8.96 6.72
CA ILE A 329 26.80 -7.63 6.82
C ILE A 329 28.10 -7.80 7.56
N PRO A 330 29.18 -8.23 6.86
CA PRO A 330 30.42 -8.54 7.53
C PRO A 330 31.01 -7.40 8.37
N TRP A 331 30.87 -6.15 7.93
CA TRP A 331 31.54 -5.03 8.63
C TRP A 331 30.92 -4.78 10.01
N PHE A 332 29.75 -5.34 10.31
CA PHE A 332 29.19 -5.16 11.66
C PHE A 332 30.14 -5.72 12.71
N ALA A 333 30.94 -6.76 12.38
CA ALA A 333 31.96 -7.26 13.32
C ALA A 333 32.94 -6.14 13.72
N ASP A 334 33.33 -5.32 12.76
CA ASP A 334 34.26 -4.18 12.96
C ASP A 334 33.58 -2.97 13.63
N ALA A 335 32.23 -2.85 13.52
CA ALA A 335 31.46 -1.80 14.21
C ALA A 335 31.40 -2.05 15.72
N LEU A 336 31.36 -3.29 16.19
CA LEU A 336 31.08 -3.57 17.61
C LEU A 336 32.03 -2.81 18.53
N PRO A 337 33.38 -2.89 18.36
CA PRO A 337 34.27 -2.25 19.34
C PRO A 337 34.06 -0.72 19.35
N VAL A 338 33.53 -0.15 18.27
CA VAL A 338 33.24 1.31 18.22
C VAL A 338 31.94 1.59 18.95
N VAL A 339 30.88 0.85 18.66
CA VAL A 339 29.58 1.16 19.33
C VAL A 339 29.71 0.93 20.83
N GLU A 340 30.59 0.03 21.30
CA GLU A 340 30.73 -0.21 22.75
C GLU A 340 31.35 1.01 23.46
N THR A 341 31.92 1.96 22.72
CA THR A 341 32.48 3.20 23.33
C THR A 341 31.48 4.35 23.34
N ALA A 342 30.26 4.10 22.94
CA ALA A 342 29.27 5.19 22.80
C ALA A 342 28.99 5.83 24.15
N LYS A 343 28.71 7.14 24.06
CA LYS A 343 28.26 7.98 25.18
C LYS A 343 26.95 8.63 24.76
N ALA A 344 26.09 8.88 25.74
CA ALA A 344 24.80 9.57 25.50
C ALA A 344 25.03 11.08 25.46
N ARG A 345 24.42 11.70 24.46
CA ARG A 345 24.36 13.15 24.47
C ARG A 345 23.54 13.64 25.70
N PRO A 346 23.71 14.90 26.16
CA PRO A 346 22.96 15.40 27.30
C PRO A 346 21.48 14.99 27.26
N VAL A 347 21.04 14.40 28.36
CA VAL A 347 19.63 13.96 28.49
C VAL A 347 18.87 15.08 29.19
N THR A 348 18.14 15.87 28.43
CA THR A 348 17.49 17.09 28.98
C THR A 348 16.30 17.42 28.10
N PRO A 349 15.15 17.88 28.67
CA PRO A 349 14.08 18.37 27.83
C PRO A 349 14.41 19.63 27.01
N ARG A 350 15.47 20.34 27.39
CA ARG A 350 15.87 21.56 26.64
C ARG A 350 17.02 21.22 25.70
N TYR A 351 17.04 19.97 25.18
CA TYR A 351 18.09 19.55 24.24
C TYR A 351 18.17 20.50 23.05
N ASN A 352 17.05 20.98 22.51
CA ASN A 352 17.09 21.86 21.32
C ASN A 352 17.99 23.08 21.60
N GLU A 353 17.82 23.70 22.76
CA GLU A 353 18.56 24.94 23.06
C GLU A 353 20.01 24.60 23.37
N VAL A 354 20.25 23.47 24.02
CA VAL A 354 21.62 23.04 24.37
C VAL A 354 22.35 22.80 23.04
N SER A 355 21.73 22.06 22.10
CA SER A 355 22.34 21.78 20.78
C SER A 355 22.62 23.07 20.05
N GLU A 356 21.64 23.96 20.01
CA GLU A 356 21.82 25.22 19.22
C GLU A 356 23.02 26.01 19.77
N THR A 357 23.11 26.11 21.08
CA THR A 357 24.23 26.87 21.67
C THR A 357 25.57 26.23 21.31
N ILE A 358 25.71 24.92 21.45
CA ILE A 358 26.99 24.26 21.17
C ILE A 358 27.34 24.33 19.69
N ARG A 359 26.39 24.03 18.79
CA ARG A 359 26.75 23.97 17.38
C ARG A 359 27.07 25.38 16.87
N THR A 360 26.42 26.39 17.44
CA THR A 360 26.71 27.80 17.02
C THR A 360 28.15 28.16 17.38
N THR A 361 28.53 27.79 18.59
CA THR A 361 29.92 28.06 19.07
C THR A 361 30.96 27.30 18.25
N VAL A 362 30.78 26.01 18.03
CA VAL A 362 31.73 25.20 17.26
C VAL A 362 31.93 25.79 15.87
N ASN A 363 30.82 26.05 15.18
CA ASN A 363 30.91 26.57 13.79
C ASN A 363 31.58 27.97 13.80
N GLY A 364 31.28 28.82 14.81
CA GLY A 364 31.83 30.20 14.84
C GLY A 364 33.34 30.16 15.05
N VAL A 365 33.81 29.23 15.89
CA VAL A 365 35.28 29.10 16.09
C VAL A 365 35.92 28.59 14.79
N LEU A 366 35.34 27.57 14.18
CA LEU A 366 35.94 26.97 12.95
C LEU A 366 35.89 27.95 11.77
N ALA A 367 34.90 28.81 11.75
CA ALA A 367 34.77 29.81 10.65
C ALA A 367 35.76 30.97 10.85
N GLY A 368 36.34 31.13 12.03
CA GLY A 368 37.28 32.21 12.33
C GLY A 368 36.53 33.45 12.78
N VAL A 369 35.32 33.31 13.29
CA VAL A 369 34.44 34.43 13.68
C VAL A 369 34.63 34.68 15.16
N MET A 370 35.12 33.71 15.92
CA MET A 370 35.47 33.92 17.34
C MET A 370 36.55 32.91 17.81
N THR A 371 37.17 33.26 18.91
CA THR A 371 38.23 32.42 19.50
C THR A 371 37.69 31.27 20.36
N PRO A 372 38.45 30.16 20.60
CA PRO A 372 38.03 29.14 21.54
C PRO A 372 37.57 29.68 22.91
N GLU A 373 38.36 30.61 23.47
CA GLU A 373 38.10 31.10 24.84
C GLU A 373 36.77 31.85 24.88
N ASP A 374 36.57 32.70 23.90
CA ASP A 374 35.28 33.45 23.87
C ASP A 374 34.15 32.51 23.52
N GLY A 375 34.41 31.48 22.70
CA GLY A 375 33.40 30.44 22.42
C GLY A 375 32.99 29.70 23.67
N ALA A 376 33.90 29.28 24.54
CA ALA A 376 33.55 28.62 25.81
C ALA A 376 32.74 29.59 26.68
N LYS A 377 33.15 30.85 26.72
CA LYS A 377 32.47 31.95 27.48
C LYS A 377 31.02 32.05 27.00
N GLN A 378 30.82 32.20 25.69
CA GLN A 378 29.47 32.32 25.07
C GLN A 378 28.70 31.04 25.38
N MET A 379 29.30 29.86 25.18
CA MET A 379 28.62 28.57 25.40
C MET A 379 28.17 28.44 26.87
N GLU A 380 29.06 28.71 27.84
CA GLU A 380 28.69 28.60 29.27
C GLU A 380 27.57 29.58 29.59
N SER A 381 27.69 30.84 29.15
CA SER A 381 26.67 31.88 29.43
C SER A 381 25.30 31.38 28.93
N ARG A 382 25.23 30.89 27.69
CA ARG A 382 23.95 30.48 27.04
C ARG A 382 23.39 29.19 27.67
N LEU A 383 24.22 28.20 27.99
CA LEU A 383 23.81 26.95 28.67
C LEU A 383 23.30 27.29 30.08
N ARG A 384 23.83 28.35 30.70
CA ARG A 384 23.41 28.68 32.09
C ARG A 384 22.00 29.26 32.01
N ARG A 385 21.70 30.06 31.00
CA ARG A 385 20.34 30.62 30.76
C ARG A 385 19.35 29.47 30.51
N VAL A 386 19.75 28.44 29.79
CA VAL A 386 18.85 27.32 29.41
C VAL A 386 18.67 26.38 30.62
N LEU A 387 19.76 26.06 31.31
CA LEU A 387 19.77 25.12 32.46
C LEU A 387 20.04 25.84 33.80
N MET B 1 -3.86 -17.80 36.47
CA MET B 1 -4.89 -18.07 35.44
C MET B 1 -5.54 -19.39 35.78
N ASP B 2 -6.81 -19.57 35.41
CA ASP B 2 -7.37 -20.92 35.62
C ASP B 2 -8.57 -21.20 34.71
N ALA B 3 -8.47 -22.30 33.97
CA ALA B 3 -9.61 -22.74 33.15
C ALA B 3 -9.41 -24.21 32.80
N GLU B 4 -10.50 -24.97 32.80
CA GLU B 4 -10.49 -26.35 32.31
C GLU B 4 -11.48 -26.29 31.14
N LEU B 5 -10.98 -26.15 29.92
CA LEU B 5 -11.86 -25.91 28.76
C LEU B 5 -12.16 -27.21 27.99
N LYS B 6 -13.38 -27.32 27.52
CA LYS B 6 -13.76 -28.47 26.66
C LYS B 6 -14.08 -27.93 25.27
N ILE B 7 -13.44 -28.50 24.26
CA ILE B 7 -13.63 -28.11 22.85
C ILE B 7 -14.19 -29.28 22.06
N PHE B 8 -15.25 -29.05 21.28
CA PHE B 8 -15.84 -30.02 20.32
C PHE B 8 -15.13 -29.94 18.96
N VAL B 9 -14.41 -30.99 18.64
CA VAL B 9 -13.82 -31.21 17.28
C VAL B 9 -14.18 -32.64 16.93
N SER B 10 -15.01 -32.85 15.90
CA SER B 10 -15.47 -34.21 15.54
C SER B 10 -14.33 -35.02 14.91
N SER B 11 -14.54 -36.31 14.81
CA SER B 11 -13.53 -37.26 14.29
C SER B 11 -13.26 -37.01 12.81
N GLN B 12 -14.11 -36.27 12.09
CA GLN B 12 -13.85 -35.92 10.66
C GLN B 12 -12.81 -34.82 10.53
N HIS B 13 -12.47 -34.14 11.63
CA HIS B 13 -11.74 -32.86 11.53
C HIS B 13 -10.33 -32.92 12.16
N GLN B 14 -9.71 -34.10 12.10
CA GLN B 14 -8.32 -34.31 12.56
C GLN B 14 -8.13 -33.74 13.96
N PRO B 15 -8.91 -34.20 14.94
CA PRO B 15 -8.74 -33.74 16.33
C PRO B 15 -7.34 -34.09 16.88
N ASP B 16 -6.71 -35.15 16.38
CA ASP B 16 -5.34 -35.56 16.69
C ASP B 16 -4.35 -34.43 16.36
N ILE B 17 -4.57 -33.64 15.33
CA ILE B 17 -3.62 -32.55 14.98
C ILE B 17 -4.03 -31.29 15.71
N TRP B 18 -5.31 -31.02 15.88
CA TRP B 18 -5.71 -29.90 16.73
C TRP B 18 -5.17 -30.11 18.15
N ARG B 19 -5.08 -31.37 18.61
CA ARG B 19 -4.52 -31.67 19.96
C ARG B 19 -3.09 -31.08 20.07
N LYS B 20 -2.31 -31.12 19.01
CA LYS B 20 -0.92 -30.55 19.06
C LYS B 20 -0.98 -29.03 19.21
N ALA B 21 -1.91 -28.38 18.53
CA ALA B 21 -2.11 -26.93 18.69
C ALA B 21 -2.53 -26.62 20.12
N LEU B 22 -3.41 -27.44 20.72
CA LEU B 22 -3.85 -27.27 22.11
C LEU B 22 -2.65 -27.48 23.05
N ASP B 23 -1.79 -28.44 22.75
CA ASP B 23 -0.58 -28.62 23.61
C ASP B 23 0.26 -27.35 23.57
N GLN B 24 0.39 -26.70 22.40
CA GLN B 24 1.17 -25.44 22.32
C GLN B 24 0.49 -24.37 23.18
N TYR B 25 -0.84 -24.25 23.14
CA TYR B 25 -1.56 -23.29 23.94
C TYR B 25 -1.29 -23.54 25.42
N GLU B 26 -1.40 -24.80 25.85
CA GLU B 26 -1.20 -25.12 27.29
C GLU B 26 0.22 -24.73 27.72
N ALA B 27 1.22 -24.97 26.91
CA ALA B 27 2.61 -24.60 27.26
C ALA B 27 2.74 -23.08 27.34
N LYS B 28 1.95 -22.31 26.62
CA LYS B 28 2.04 -20.82 26.58
C LYS B 28 1.12 -20.24 27.65
N THR B 29 0.31 -21.09 28.28
CA THR B 29 -0.79 -20.55 29.13
C THR B 29 -0.85 -21.35 30.42
N PRO B 30 0.07 -21.12 31.38
CA PRO B 30 -0.02 -21.85 32.64
C PRO B 30 -1.39 -21.59 33.32
N GLY B 31 -1.94 -22.67 33.84
CA GLY B 31 -3.23 -22.64 34.53
C GLY B 31 -4.39 -22.98 33.62
N VAL B 32 -4.17 -23.13 32.31
CA VAL B 32 -5.30 -23.49 31.40
C VAL B 32 -5.06 -24.89 30.85
N LYS B 33 -6.08 -25.74 30.95
CA LYS B 33 -6.01 -27.10 30.36
C LYS B 33 -7.19 -27.23 29.39
N VAL B 34 -6.98 -27.91 28.27
CA VAL B 34 -8.06 -28.09 27.27
C VAL B 34 -8.27 -29.60 27.03
N VAL B 35 -9.54 -29.99 26.87
N VAL B 35 -9.53 -30.00 26.87
CA VAL B 35 -9.90 -31.42 26.60
CA VAL B 35 -9.88 -31.43 26.59
C VAL B 35 -10.75 -31.44 25.33
C VAL B 35 -10.75 -31.46 25.33
N ILE B 36 -10.44 -32.36 24.42
CA ILE B 36 -11.20 -32.54 23.17
C ILE B 36 -12.36 -33.48 23.41
N GLU B 37 -13.55 -33.04 23.05
CA GLU B 37 -14.76 -33.87 22.96
C GLU B 37 -15.02 -34.14 21.45
N THR B 38 -15.03 -35.38 21.01
CA THR B 38 -15.27 -35.68 19.57
C THR B 38 -16.77 -35.85 19.29
N GLY B 39 -17.61 -35.94 20.33
CA GLY B 39 -19.07 -35.87 20.17
C GLY B 39 -19.81 -37.20 20.24
N GLY B 40 -19.16 -38.31 20.52
CA GLY B 40 -19.81 -39.62 20.69
C GLY B 40 -19.20 -40.69 19.81
N ASN B 41 -19.66 -41.91 20.01
CA ASN B 41 -18.97 -43.12 19.48
C ASN B 41 -19.22 -43.37 18.00
N THR B 42 -20.31 -42.85 17.44
CA THR B 42 -20.66 -43.02 16.02
C THR B 42 -20.67 -41.66 15.30
N SER B 43 -20.52 -41.66 13.98
CA SER B 43 -20.68 -40.47 13.13
C SER B 43 -22.06 -39.86 13.38
N GLU B 44 -23.12 -40.66 13.47
CA GLU B 44 -24.48 -40.08 13.65
C GLU B 44 -24.52 -39.38 15.02
N MET B 45 -23.92 -39.92 16.07
CA MET B 45 -23.96 -39.24 17.40
C MET B 45 -23.12 -37.98 17.30
N GLN B 46 -21.98 -37.99 16.63
CA GLN B 46 -21.17 -36.76 16.54
C GLN B 46 -21.96 -35.68 15.81
N ALA B 47 -22.73 -36.06 14.79
CA ALA B 47 -23.48 -35.07 13.97
C ALA B 47 -24.63 -34.48 14.77
N GLN B 48 -25.10 -35.13 15.82
CA GLN B 48 -26.15 -34.60 16.74
C GLN B 48 -25.59 -33.98 18.04
N TYR B 49 -24.28 -34.02 18.30
CA TYR B 49 -23.71 -33.62 19.59
C TYR B 49 -24.12 -32.18 19.92
N LEU B 50 -23.84 -31.23 19.04
CA LEU B 50 -24.13 -29.80 19.38
C LEU B 50 -25.60 -29.59 19.60
N ASN B 51 -26.46 -30.18 18.76
CA ASN B 51 -27.92 -30.07 18.98
C ASN B 51 -28.26 -30.60 20.37
N THR B 52 -27.65 -31.69 20.84
CA THR B 52 -27.92 -32.28 22.18
C THR B 52 -27.47 -31.34 23.29
N VAL B 53 -26.24 -30.82 23.18
CA VAL B 53 -25.68 -29.88 24.16
C VAL B 53 -26.61 -28.67 24.29
N MET B 54 -26.98 -28.08 23.19
CA MET B 54 -27.73 -26.79 23.20
C MET B 54 -29.16 -27.04 23.73
N SER B 55 -29.75 -28.17 23.44
CA SER B 55 -31.10 -28.49 23.97
C SER B 55 -31.04 -28.61 25.49
N ALA B 56 -30.01 -29.26 26.02
CA ALA B 56 -29.79 -29.42 27.46
C ALA B 56 -29.26 -28.15 28.14
N LYS B 57 -28.76 -27.18 27.37
CA LYS B 57 -28.02 -26.01 27.93
C LYS B 57 -26.84 -26.51 28.78
N ASP B 58 -26.16 -27.56 28.31
CA ASP B 58 -25.03 -28.24 28.97
C ASP B 58 -23.85 -27.26 29.03
N SER B 59 -23.60 -26.68 30.18
CA SER B 59 -22.58 -25.61 30.34
C SER B 59 -21.17 -26.20 30.32
N SER B 60 -21.00 -27.52 30.25
CA SER B 60 -19.63 -28.12 30.28
C SER B 60 -18.86 -27.82 28.97
N LEU B 61 -19.57 -27.55 27.87
CA LEU B 61 -18.86 -27.26 26.60
C LEU B 61 -18.48 -25.79 26.56
N ASP B 62 -17.24 -25.51 26.19
CA ASP B 62 -16.77 -24.12 26.09
C ASP B 62 -16.63 -23.66 24.64
N VAL B 63 -16.00 -24.46 23.78
CA VAL B 63 -15.67 -24.08 22.39
C VAL B 63 -16.20 -25.15 21.45
N LEU B 64 -16.68 -24.75 20.29
CA LEU B 64 -17.21 -25.72 19.29
C LEU B 64 -16.70 -25.39 17.91
N MET B 65 -16.31 -26.42 17.17
CA MET B 65 -16.04 -26.30 15.74
C MET B 65 -17.36 -26.57 15.02
N LEU B 66 -17.86 -25.61 14.27
CA LEU B 66 -19.16 -25.67 13.57
C LEU B 66 -19.00 -25.30 12.10
N ASP B 67 -19.95 -25.79 11.29
CA ASP B 67 -19.92 -25.64 9.83
C ASP B 67 -20.12 -24.15 9.54
N VAL B 68 -19.46 -23.62 8.53
CA VAL B 68 -19.56 -22.19 8.13
C VAL B 68 -20.99 -21.77 7.83
N ILE B 69 -21.91 -22.69 7.51
CA ILE B 69 -23.32 -22.31 7.20
C ILE B 69 -24.13 -22.11 8.50
N ARG B 70 -23.62 -22.46 9.68
CA ARG B 70 -24.37 -22.50 10.96
C ARG B 70 -24.26 -21.29 11.89
N PRO B 71 -23.23 -20.44 11.85
CA PRO B 71 -23.17 -19.40 12.87
C PRO B 71 -24.36 -18.44 13.02
N ALA B 72 -25.13 -18.16 11.97
CA ALA B 72 -26.32 -17.26 12.12
C ALA B 72 -27.39 -17.98 12.95
N GLN B 73 -27.59 -19.27 12.70
CA GLN B 73 -28.55 -20.08 13.46
C GLN B 73 -28.14 -20.04 14.93
N PHE B 74 -26.87 -20.37 15.21
CA PHE B 74 -26.40 -20.54 16.59
C PHE B 74 -26.47 -19.23 17.34
N ALA B 75 -26.10 -18.12 16.69
CA ALA B 75 -26.14 -16.81 17.37
C ALA B 75 -27.61 -16.44 17.65
N THR B 76 -28.47 -16.67 16.71
CA THR B 76 -29.89 -16.19 16.82
C THR B 76 -30.57 -16.98 17.92
N ALA B 77 -30.26 -18.26 18.06
CA ALA B 77 -30.90 -19.13 19.07
C ALA B 77 -30.33 -18.86 20.47
N GLY B 78 -29.27 -18.06 20.64
CA GLY B 78 -28.58 -17.84 21.92
C GLY B 78 -27.69 -19.04 22.29
N TRP B 79 -27.24 -19.82 21.30
CA TRP B 79 -26.35 -20.97 21.54
C TRP B 79 -24.87 -20.53 21.59
N THR B 80 -24.51 -19.43 20.90
CA THR B 80 -23.11 -18.95 20.84
C THR B 80 -23.01 -17.51 21.34
N SER B 81 -21.83 -17.17 21.78
CA SER B 81 -21.47 -15.82 22.27
C SER B 81 -20.84 -15.01 21.13
N ASP B 82 -21.03 -13.71 21.14
CA ASP B 82 -20.40 -12.81 20.16
C ASP B 82 -19.02 -12.39 20.64
N PHE B 83 -18.13 -12.07 19.69
CA PHE B 83 -16.80 -11.48 19.95
C PHE B 83 -16.87 -9.95 19.83
N SER B 84 -17.04 -9.28 20.95
CA SER B 84 -17.18 -7.79 21.06
C SER B 84 -15.99 -7.10 20.38
N GLY B 85 -16.24 -6.25 19.40
CA GLY B 85 -15.24 -5.34 18.82
C GLY B 85 -14.23 -6.08 17.93
N LYS B 86 -14.53 -7.33 17.53
CA LYS B 86 -13.61 -8.18 16.70
C LYS B 86 -13.48 -7.68 15.26
N ASP B 87 -12.26 -7.63 14.73
CA ASP B 87 -11.96 -7.31 13.32
C ASP B 87 -11.61 -8.60 12.57
N LEU B 88 -12.28 -8.90 11.46
CA LEU B 88 -11.99 -10.11 10.65
C LEU B 88 -11.24 -9.73 9.35
N SER B 89 -10.77 -8.49 9.27
CA SER B 89 -10.18 -7.97 8.01
C SER B 89 -8.88 -8.68 7.59
N ALA B 90 -8.15 -9.34 8.51
CA ALA B 90 -6.91 -10.04 8.10
C ALA B 90 -7.14 -11.37 7.40
N TYR B 91 -8.30 -11.98 7.64
CA TYR B 91 -8.66 -13.29 7.05
C TYR B 91 -9.01 -13.12 5.57
N LEU B 92 -9.20 -14.18 4.84
CA LEU B 92 -9.77 -14.08 3.47
C LEU B 92 -11.00 -13.18 3.53
N PRO B 93 -11.21 -12.36 2.48
CA PRO B 93 -12.25 -11.33 2.59
C PRO B 93 -13.71 -11.80 2.74
N THR B 94 -13.98 -13.03 2.30
CA THR B 94 -15.29 -13.72 2.39
C THR B 94 -15.68 -13.85 3.86
N TYR B 95 -14.73 -13.90 4.79
CA TYR B 95 -15.11 -14.18 6.20
C TYR B 95 -15.83 -13.03 6.91
N ALA B 96 -15.67 -11.80 6.45
CA ALA B 96 -16.42 -10.70 7.12
C ALA B 96 -17.91 -10.93 6.95
N GLU B 97 -18.35 -11.20 5.74
CA GLU B 97 -19.80 -11.43 5.52
C GLU B 97 -20.25 -12.73 6.18
N ALA B 98 -19.41 -13.78 6.12
CA ALA B 98 -19.81 -15.11 6.60
C ALA B 98 -20.13 -15.07 8.09
N ASN B 99 -19.47 -14.17 8.84
CA ASN B 99 -19.46 -14.20 10.32
C ASN B 99 -20.15 -12.99 10.94
N THR B 100 -20.73 -12.12 10.15
CA THR B 100 -21.30 -10.86 10.70
C THR B 100 -22.82 -11.02 10.72
N VAL B 101 -23.42 -11.03 11.89
CA VAL B 101 -24.89 -11.24 12.05
C VAL B 101 -25.40 -10.08 12.91
N ASN B 102 -26.30 -9.25 12.39
CA ASN B 102 -26.82 -8.09 13.17
C ASN B 102 -25.67 -7.25 13.74
N GLY B 103 -24.66 -7.01 12.94
CA GLY B 103 -23.50 -6.17 13.29
C GLY B 103 -22.48 -6.83 14.21
N LYS B 104 -22.66 -8.09 14.58
CA LYS B 104 -21.78 -8.79 15.56
C LYS B 104 -21.03 -9.95 14.91
N ILE B 105 -19.81 -10.13 15.39
CA ILE B 105 -18.97 -11.28 14.98
C ILE B 105 -19.33 -12.49 15.84
N VAL B 106 -19.82 -13.52 15.17
CA VAL B 106 -20.42 -14.64 15.92
C VAL B 106 -19.58 -15.91 15.86
N ALA B 107 -18.50 -15.90 15.10
CA ALA B 107 -17.61 -17.09 14.99
C ALA B 107 -16.34 -16.64 14.34
N LEU B 108 -15.25 -17.38 14.56
CA LEU B 108 -13.97 -17.08 13.89
C LEU B 108 -13.58 -18.22 12.98
N PRO B 109 -12.87 -17.98 11.88
CA PRO B 109 -12.48 -19.05 10.96
C PRO B 109 -11.61 -20.15 11.61
N ALA B 110 -11.84 -21.42 11.31
CA ALA B 110 -11.00 -22.56 11.74
C ALA B 110 -10.13 -23.00 10.58
N PHE B 111 -10.73 -23.37 9.46
CA PHE B 111 -10.04 -23.69 8.19
C PHE B 111 -11.02 -23.48 7.05
N ALA B 112 -10.45 -23.20 5.88
CA ALA B 112 -11.20 -22.84 4.65
C ALA B 112 -11.48 -24.03 3.78
N ASP B 113 -12.47 -23.86 2.91
CA ASP B 113 -12.71 -24.71 1.73
C ASP B 113 -13.40 -23.85 0.71
N SER B 114 -13.41 -24.34 -0.53
N SER B 114 -13.35 -24.27 -0.55
CA SER B 114 -14.03 -23.65 -1.69
CA SER B 114 -14.23 -23.72 -1.59
C SER B 114 -14.39 -24.72 -2.70
C SER B 114 -14.43 -24.75 -2.68
N MET B 115 -15.34 -24.42 -3.57
CA MET B 115 -15.45 -25.19 -4.82
C MET B 115 -14.31 -24.75 -5.75
N PHE B 116 -13.78 -25.71 -6.48
CA PHE B 116 -12.73 -25.53 -7.50
C PHE B 116 -13.30 -26.08 -8.81
N LEU B 117 -12.76 -25.58 -9.91
CA LEU B 117 -12.91 -26.23 -11.23
C LEU B 117 -11.71 -27.15 -11.38
N TYR B 118 -11.88 -28.42 -11.07
CA TYR B 118 -10.87 -29.44 -11.40
C TYR B 118 -11.01 -29.76 -12.87
N TYR B 119 -9.86 -29.94 -13.53
CA TYR B 119 -9.88 -30.22 -14.99
C TYR B 119 -8.76 -31.19 -15.34
N ARG B 120 -9.01 -31.91 -16.44
CA ARG B 120 -8.00 -32.83 -17.01
C ARG B 120 -7.03 -32.00 -17.83
N LYS B 121 -5.90 -31.70 -17.21
CA LYS B 121 -4.91 -30.80 -17.85
C LYS B 121 -4.29 -31.53 -19.03
N ASP B 122 -4.20 -32.85 -18.98
CA ASP B 122 -3.66 -33.65 -20.11
C ASP B 122 -4.59 -33.47 -21.30
N LEU B 123 -5.91 -33.52 -21.13
CA LEU B 123 -6.84 -33.43 -22.26
C LEU B 123 -6.87 -31.98 -22.79
N LEU B 124 -6.88 -30.96 -21.94
CA LEU B 124 -6.85 -29.58 -22.48
C LEU B 124 -5.51 -29.37 -23.21
N ASP B 125 -4.41 -29.81 -22.66
CA ASP B 125 -3.11 -29.56 -23.34
C ASP B 125 -3.09 -30.25 -24.72
N LYS B 126 -3.64 -31.44 -24.82
CA LYS B 126 -3.67 -32.22 -26.09
C LYS B 126 -4.29 -31.40 -27.21
N TYR B 127 -5.25 -30.50 -26.94
CA TYR B 127 -5.99 -29.70 -27.95
C TYR B 127 -5.57 -28.23 -27.94
N GLY B 128 -4.56 -27.89 -27.13
CA GLY B 128 -4.06 -26.51 -27.00
C GLY B 128 -5.06 -25.55 -26.38
N ILE B 129 -5.90 -26.04 -25.45
CA ILE B 129 -6.99 -25.27 -24.79
C ILE B 129 -6.51 -24.76 -23.42
N LYS B 130 -6.75 -23.48 -23.17
CA LYS B 130 -6.46 -22.87 -21.86
C LYS B 130 -7.66 -23.16 -20.96
N PRO B 131 -7.46 -23.13 -19.63
CA PRO B 131 -8.59 -23.28 -18.70
C PRO B 131 -9.65 -22.24 -19.01
N PRO B 132 -10.95 -22.63 -19.03
CA PRO B 132 -11.99 -21.70 -19.42
C PRO B 132 -12.27 -20.67 -18.33
N THR B 133 -12.58 -19.44 -18.72
CA THR B 133 -12.89 -18.35 -17.76
C THR B 133 -14.38 -17.98 -17.79
N THR B 134 -15.13 -18.51 -18.74
CA THR B 134 -16.58 -18.29 -18.87
C THR B 134 -17.24 -19.64 -19.15
N TRP B 135 -18.54 -19.74 -18.89
CA TRP B 135 -19.24 -21.01 -19.16
C TRP B 135 -19.29 -21.27 -20.67
N ASP B 136 -19.36 -20.23 -21.49
CA ASP B 136 -19.29 -20.42 -22.97
C ASP B 136 -17.93 -21.01 -23.36
N GLU B 137 -16.85 -20.49 -22.80
CA GLU B 137 -15.53 -21.08 -23.05
C GLU B 137 -15.49 -22.54 -22.59
N LEU B 138 -16.14 -22.87 -21.47
CA LEU B 138 -16.13 -24.26 -21.02
C LEU B 138 -16.92 -25.15 -21.99
N LYS B 139 -18.06 -24.70 -22.45
CA LYS B 139 -18.84 -25.44 -23.46
C LYS B 139 -17.98 -25.66 -24.71
N GLU B 140 -17.32 -24.63 -25.19
CA GLU B 140 -16.51 -24.74 -26.43
C GLU B 140 -15.35 -25.72 -26.18
N ALA B 141 -14.67 -25.66 -25.05
CA ALA B 141 -13.58 -26.60 -24.71
C ALA B 141 -14.12 -28.01 -24.67
N SER B 142 -15.27 -28.20 -24.03
CA SER B 142 -15.86 -29.53 -23.88
C SER B 142 -16.16 -30.11 -25.28
N LYS B 143 -16.74 -29.31 -26.15
CA LYS B 143 -17.07 -29.81 -27.52
C LYS B 143 -15.77 -30.23 -28.23
N LYS B 144 -14.73 -29.42 -28.15
CA LYS B 144 -13.48 -29.69 -28.92
C LYS B 144 -12.89 -31.02 -28.43
N VAL B 145 -12.76 -31.18 -27.12
CA VAL B 145 -12.15 -32.39 -26.51
C VAL B 145 -13.06 -33.58 -26.81
N MET B 146 -14.37 -33.47 -26.60
CA MET B 146 -15.23 -34.67 -26.75
C MET B 146 -15.23 -35.09 -28.24
N GLU B 147 -15.26 -34.14 -29.18
CA GLU B 147 -15.26 -34.46 -30.65
C GLU B 147 -13.92 -35.11 -30.98
N GLY B 148 -12.82 -34.64 -30.41
CA GLY B 148 -11.48 -35.21 -30.68
C GLY B 148 -11.28 -36.59 -30.08
N GLU B 149 -11.75 -36.86 -28.85
CA GLU B 149 -11.41 -38.10 -28.13
C GLU B 149 -12.23 -39.31 -28.58
N LYS B 150 -13.43 -39.05 -29.05
CA LYS B 150 -14.38 -40.10 -29.52
C LYS B 150 -14.44 -41.20 -28.44
N ASN B 151 -14.56 -40.77 -27.18
CA ASN B 151 -14.66 -41.61 -25.97
C ASN B 151 -16.07 -41.50 -25.44
N PRO B 152 -16.95 -42.49 -25.65
CA PRO B 152 -18.34 -42.42 -25.22
C PRO B 152 -18.53 -42.23 -23.71
N GLU B 153 -17.55 -42.56 -22.90
CA GLU B 153 -17.65 -42.47 -21.42
C GLU B 153 -17.19 -41.09 -20.95
N LEU B 154 -16.59 -40.25 -21.82
CA LEU B 154 -16.10 -38.93 -21.38
C LEU B 154 -17.24 -37.90 -21.29
N GLN B 155 -17.50 -37.47 -20.05
CA GLN B 155 -18.43 -36.37 -19.73
C GLN B 155 -17.69 -35.03 -19.88
N GLY B 156 -18.40 -34.02 -20.33
CA GLY B 156 -17.82 -32.67 -20.42
C GLY B 156 -17.67 -32.03 -19.00
N LEU B 157 -18.78 -31.95 -18.28
CA LEU B 157 -18.85 -31.24 -16.98
C LEU B 157 -19.66 -32.10 -16.01
N SER B 158 -19.09 -32.35 -14.84
CA SER B 158 -19.82 -32.95 -13.71
C SER B 158 -20.04 -31.88 -12.64
N PHE B 159 -21.30 -31.68 -12.24
CA PHE B 159 -21.70 -30.75 -11.18
C PHE B 159 -22.80 -31.44 -10.40
N GLN B 160 -23.10 -30.90 -9.21
CA GLN B 160 -24.10 -31.56 -8.31
C GLN B 160 -25.52 -31.08 -8.60
N GLY B 161 -26.36 -32.02 -8.96
CA GLY B 161 -27.78 -31.77 -9.27
C GLY B 161 -28.77 -32.53 -8.38
N LYS B 162 -28.30 -33.43 -7.55
CA LYS B 162 -29.15 -34.08 -6.54
C LYS B 162 -29.69 -33.05 -5.56
N ALA B 163 -30.83 -33.33 -4.90
CA ALA B 163 -31.46 -32.36 -3.97
C ALA B 163 -30.73 -32.38 -2.61
N ILE B 164 -29.48 -31.91 -2.64
CA ILE B 164 -28.53 -31.91 -1.50
C ILE B 164 -27.86 -30.54 -1.47
N GLU B 165 -27.09 -30.28 -0.41
CA GLU B 165 -26.47 -28.95 -0.19
C GLU B 165 -25.70 -28.52 -1.44
N GLY B 166 -24.99 -29.45 -2.07
CA GLY B 166 -24.16 -29.09 -3.24
C GLY B 166 -24.97 -28.40 -4.33
N ALA B 167 -26.27 -28.73 -4.49
CA ALA B 167 -27.09 -28.09 -5.54
C ALA B 167 -27.39 -26.64 -5.19
N VAL B 168 -27.40 -26.30 -3.91
CA VAL B 168 -27.54 -24.88 -3.51
C VAL B 168 -26.36 -24.10 -4.10
N CYS B 169 -25.18 -24.64 -3.85
CA CYS B 169 -23.93 -24.06 -4.31
C CYS B 169 -23.93 -23.95 -5.83
N THR B 170 -24.40 -25.00 -6.52
CA THR B 170 -24.57 -24.97 -7.99
C THR B 170 -25.41 -23.76 -8.39
N PHE B 171 -26.56 -23.60 -7.79
CA PHE B 171 -27.47 -22.48 -8.13
C PHE B 171 -26.78 -21.16 -7.95
N LEU B 172 -26.02 -21.01 -6.85
CA LEU B 172 -25.46 -19.70 -6.48
C LEU B 172 -24.31 -19.27 -7.39
N LEU B 173 -23.55 -20.18 -8.01
CA LEU B 173 -22.37 -19.72 -8.77
C LEU B 173 -22.76 -18.70 -9.84
N PRO B 174 -23.73 -18.99 -10.74
CA PRO B 174 -24.08 -18.00 -11.76
C PRO B 174 -24.87 -16.81 -11.25
N TYR B 175 -25.60 -17.01 -10.17
CA TYR B 175 -26.36 -15.94 -9.47
C TYR B 175 -25.38 -14.89 -8.94
N TRP B 176 -24.38 -15.35 -8.21
CA TRP B 176 -23.31 -14.47 -7.68
C TRP B 176 -22.51 -13.89 -8.84
N SER B 177 -22.29 -14.62 -9.93
CA SER B 177 -21.48 -14.13 -11.07
C SER B 177 -22.09 -12.86 -11.65
N GLU B 178 -23.42 -12.79 -11.61
CA GLU B 178 -24.17 -11.58 -12.07
C GLU B 178 -24.13 -10.47 -11.03
N GLY B 179 -23.42 -10.60 -9.91
CA GLY B 179 -23.27 -9.55 -8.90
C GLY B 179 -24.43 -9.52 -7.91
N LYS B 180 -25.26 -10.55 -7.84
CA LYS B 180 -26.46 -10.60 -6.98
C LYS B 180 -26.13 -11.34 -5.67
N SER B 181 -26.86 -10.97 -4.63
CA SER B 181 -26.82 -11.65 -3.31
C SER B 181 -28.25 -11.96 -2.98
N LEU B 182 -28.51 -13.17 -2.56
CA LEU B 182 -29.88 -13.64 -2.31
C LEU B 182 -30.33 -13.15 -0.94
N VAL B 183 -29.44 -13.24 0.03
CA VAL B 183 -29.72 -12.69 1.38
C VAL B 183 -28.55 -11.80 1.69
N GLU B 184 -28.90 -10.56 1.99
CA GLU B 184 -27.87 -9.55 2.29
C GLU B 184 -28.38 -8.78 3.52
N LYS B 187 -31.93 -10.02 4.92
CA LYS B 187 -33.15 -9.64 4.16
C LYS B 187 -33.07 -10.26 2.77
N LEU B 188 -34.19 -10.80 2.32
CA LEU B 188 -34.25 -11.46 0.98
C LEU B 188 -34.25 -10.42 -0.12
N ASN B 189 -33.30 -10.56 -1.04
CA ASN B 189 -33.25 -9.69 -2.24
C ASN B 189 -33.23 -10.60 -3.48
N PHE B 190 -34.38 -10.96 -4.01
CA PHE B 190 -34.45 -12.06 -5.01
C PHE B 190 -34.42 -11.42 -6.39
N ASP B 191 -33.37 -11.63 -7.17
CA ASP B 191 -33.31 -11.17 -8.57
C ASP B 191 -33.88 -12.25 -9.49
N ASN B 192 -35.10 -12.07 -10.00
CA ASN B 192 -35.74 -13.14 -10.80
C ASN B 192 -34.88 -13.46 -12.03
N LYS B 193 -34.37 -12.45 -12.71
CA LYS B 193 -33.64 -12.68 -13.97
C LYS B 193 -32.40 -13.55 -13.67
N ALA B 194 -31.60 -13.17 -12.70
CA ALA B 194 -30.38 -13.91 -12.36
C ALA B 194 -30.73 -15.35 -11.97
N ALA B 195 -31.81 -15.56 -11.23
CA ALA B 195 -32.23 -16.89 -10.76
C ALA B 195 -32.65 -17.78 -11.93
N VAL B 196 -33.52 -17.25 -12.80
CA VAL B 196 -33.95 -17.94 -14.05
C VAL B 196 -32.72 -18.27 -14.87
N ASP B 197 -31.79 -17.31 -15.01
CA ASP B 197 -30.63 -17.55 -15.90
C ASP B 197 -29.69 -18.61 -15.31
N SER B 198 -29.60 -18.67 -13.97
CA SER B 198 -28.78 -19.74 -13.33
C SER B 198 -29.39 -21.11 -13.64
N LEU B 199 -30.71 -21.25 -13.44
CA LEU B 199 -31.37 -22.53 -13.69
C LEU B 199 -31.31 -22.90 -15.19
N LYS B 200 -31.38 -21.92 -16.07
CA LYS B 200 -31.25 -22.13 -17.54
CA LYS B 200 -31.27 -22.16 -17.54
C LYS B 200 -29.84 -22.62 -17.88
N LEU B 201 -28.82 -22.05 -17.26
CA LEU B 201 -27.44 -22.44 -17.53
C LEU B 201 -27.24 -23.91 -17.19
N TRP B 202 -27.63 -24.32 -15.99
CA TRP B 202 -27.35 -25.73 -15.60
C TRP B 202 -28.15 -26.68 -16.48
N LYS B 203 -29.38 -26.32 -16.81
CA LYS B 203 -30.16 -27.16 -17.75
C LYS B 203 -29.48 -27.20 -19.12
N SER B 204 -28.88 -26.09 -19.56
CA SER B 204 -28.26 -26.06 -20.93
C SER B 204 -27.16 -27.09 -21.04
N PHE B 205 -26.39 -27.34 -20.00
CA PHE B 205 -25.35 -28.39 -20.10
C PHE B 205 -25.98 -29.75 -20.42
N VAL B 206 -27.09 -30.04 -19.75
CA VAL B 206 -27.79 -31.34 -20.00
C VAL B 206 -28.33 -31.39 -21.45
N ASP B 207 -28.99 -30.34 -21.86
CA ASP B 207 -29.65 -30.28 -23.18
C ASP B 207 -28.57 -30.39 -24.24
N ASP B 208 -27.38 -29.82 -24.04
CA ASP B 208 -26.33 -29.75 -25.07
C ASP B 208 -25.49 -31.01 -25.04
N GLY B 209 -25.69 -31.91 -24.09
CA GLY B 209 -24.89 -33.14 -23.93
C GLY B 209 -23.50 -32.88 -23.35
N ILE B 210 -23.24 -31.69 -22.81
CA ILE B 210 -21.94 -31.38 -22.11
C ILE B 210 -21.92 -32.02 -20.72
N SER B 211 -23.08 -32.21 -20.14
CA SER B 211 -23.30 -32.98 -18.88
C SER B 211 -24.23 -34.14 -19.14
N LYS B 212 -24.04 -35.23 -18.42
CA LYS B 212 -24.84 -36.47 -18.63
C LYS B 212 -26.32 -36.21 -18.33
N LYS B 213 -27.20 -37.03 -18.94
CA LYS B 213 -28.67 -36.83 -18.88
C LYS B 213 -29.20 -36.88 -17.44
N ASN B 214 -28.54 -37.65 -16.59
CA ASN B 214 -29.01 -37.86 -15.20
C ASN B 214 -28.18 -37.08 -14.17
N ILE B 215 -27.67 -35.91 -14.55
CA ILE B 215 -26.93 -35.04 -13.58
C ILE B 215 -27.79 -34.75 -12.35
N SER B 216 -29.11 -34.84 -12.44
CA SER B 216 -30.01 -34.61 -11.29
C SER B 216 -29.80 -35.66 -10.19
N GLU B 217 -29.11 -36.76 -10.49
CA GLU B 217 -28.82 -37.83 -9.52
C GLU B 217 -27.41 -37.71 -8.94
N VAL B 218 -26.66 -36.70 -9.35
CA VAL B 218 -25.22 -36.60 -8.97
C VAL B 218 -25.03 -35.86 -7.64
N ALA B 219 -24.46 -36.55 -6.68
CA ALA B 219 -24.07 -35.99 -5.38
C ALA B 219 -22.59 -35.56 -5.42
N THR B 220 -22.11 -34.88 -4.40
CA THR B 220 -20.71 -34.37 -4.36
C THR B 220 -19.69 -35.48 -4.59
N ASP B 221 -19.86 -36.61 -3.93
CA ASP B 221 -18.86 -37.67 -4.05
C ASP B 221 -19.04 -38.46 -5.35
N ASP B 222 -20.18 -38.36 -6.01
CA ASP B 222 -20.34 -38.98 -7.34
C ASP B 222 -19.44 -38.21 -8.31
N THR B 223 -19.51 -36.87 -8.29
CA THR B 223 -18.61 -36.09 -9.16
C THR B 223 -17.17 -36.53 -8.88
N ARG B 224 -16.81 -36.65 -7.63
CA ARG B 224 -15.43 -37.01 -7.24
C ARG B 224 -15.05 -38.36 -7.82
N LYS B 225 -15.87 -39.37 -7.60
CA LYS B 225 -15.55 -40.73 -8.10
C LYS B 225 -15.45 -40.78 -9.63
N GLU B 226 -16.34 -40.12 -10.32
N GLU B 226 -16.37 -40.16 -10.33
CA GLU B 226 -16.38 -40.25 -11.81
CA GLU B 226 -16.39 -40.24 -11.81
C GLU B 226 -15.24 -39.45 -12.44
C GLU B 226 -15.18 -39.50 -12.36
N PHE B 227 -14.84 -38.31 -11.86
CA PHE B 227 -13.61 -37.60 -12.33
C PHE B 227 -12.39 -38.47 -12.04
N GLN B 228 -12.32 -39.05 -10.86
CA GLN B 228 -11.17 -39.89 -10.45
C GLN B 228 -11.04 -41.07 -11.41
N ALA B 229 -12.17 -41.61 -11.89
CA ALA B 229 -12.19 -42.79 -12.77
C ALA B 229 -11.82 -42.42 -14.21
N GLY B 230 -11.51 -41.14 -14.48
CA GLY B 230 -11.06 -40.76 -15.82
C GLY B 230 -12.21 -40.44 -16.76
N LYS B 231 -13.41 -40.24 -16.22
CA LYS B 231 -14.64 -40.12 -17.03
C LYS B 231 -15.12 -38.67 -17.21
N VAL B 232 -14.37 -37.68 -16.77
CA VAL B 232 -14.93 -36.30 -16.69
C VAL B 232 -13.84 -35.29 -17.06
N LEU B 233 -14.12 -34.37 -17.97
CA LEU B 233 -13.14 -33.33 -18.37
C LEU B 233 -13.03 -32.23 -17.31
N PHE B 234 -14.18 -31.73 -16.86
CA PHE B 234 -14.34 -30.61 -15.89
C PHE B 234 -15.24 -31.06 -14.73
N ALA B 235 -14.78 -30.86 -13.50
CA ALA B 235 -15.55 -31.28 -12.30
C ALA B 235 -15.59 -30.14 -11.28
N VAL B 236 -16.79 -29.84 -10.78
CA VAL B 236 -16.94 -28.90 -9.66
C VAL B 236 -16.80 -29.68 -8.38
N ASN B 237 -15.82 -29.39 -7.55
CA ASN B 237 -15.76 -30.11 -6.27
C ASN B 237 -14.94 -29.30 -5.26
N TRP B 238 -14.82 -29.86 -4.08
CA TRP B 238 -14.22 -29.19 -2.90
C TRP B 238 -12.77 -29.68 -2.71
N SER B 239 -12.08 -29.18 -1.72
CA SER B 239 -10.64 -29.47 -1.54
C SER B 239 -10.37 -30.93 -1.30
N TYR B 240 -11.27 -31.67 -0.62
CA TYR B 240 -10.95 -33.05 -0.23
C TYR B 240 -10.65 -33.88 -1.49
N ALA B 241 -11.18 -33.53 -2.65
CA ALA B 241 -11.06 -34.34 -3.89
C ALA B 241 -9.61 -34.46 -4.35
N TRP B 242 -8.78 -33.46 -4.17
CA TRP B 242 -7.40 -33.48 -4.71
C TRP B 242 -6.65 -34.72 -4.22
N THR B 243 -6.71 -35.03 -2.92
CA THR B 243 -5.90 -36.14 -2.35
C THR B 243 -6.41 -37.46 -2.93
N HIS B 244 -7.72 -37.62 -3.17
CA HIS B 244 -8.25 -38.83 -3.85
C HIS B 244 -7.71 -38.89 -5.28
N PHE B 245 -7.69 -37.78 -5.99
CA PHE B 245 -7.25 -37.76 -7.40
C PHE B 245 -5.79 -38.17 -7.50
N GLN B 246 -4.99 -37.83 -6.51
CA GLN B 246 -3.52 -38.13 -6.55
C GLN B 246 -3.17 -39.41 -5.79
N GLY B 247 -4.15 -40.15 -5.26
CA GLY B 247 -3.90 -41.34 -4.42
C GLY B 247 -3.82 -42.62 -5.22
N LYS B 248 -3.90 -43.73 -4.48
CA LYS B 248 -3.49 -45.07 -4.96
C LYS B 248 -4.59 -45.71 -5.79
N GLU B 249 -5.82 -45.21 -5.75
CA GLU B 249 -6.94 -45.87 -6.48
C GLU B 249 -7.50 -44.91 -7.55
N SER B 250 -6.64 -44.27 -8.36
CA SER B 250 -7.03 -43.13 -9.23
C SER B 250 -6.60 -43.43 -10.67
N GLN B 251 -7.37 -42.98 -11.65
CA GLN B 251 -7.06 -43.06 -13.08
C GLN B 251 -6.53 -41.70 -13.55
N VAL B 252 -6.32 -40.71 -12.66
CA VAL B 252 -6.00 -39.33 -13.07
C VAL B 252 -4.83 -38.76 -12.29
N ASN B 253 -4.02 -39.59 -11.66
CA ASN B 253 -2.80 -39.09 -11.00
C ASN B 253 -1.98 -38.23 -11.99
N ASP B 254 -1.62 -37.03 -11.53
N ASP B 254 -1.53 -37.06 -11.55
CA ASP B 254 -0.73 -36.08 -12.23
CA ASP B 254 -0.68 -36.12 -12.33
C ASP B 254 -1.37 -35.46 -13.48
C ASP B 254 -1.35 -35.68 -13.63
N LYS B 255 -2.67 -35.71 -13.69
CA LYS B 255 -3.43 -35.22 -14.88
C LYS B 255 -4.44 -34.14 -14.49
N VAL B 256 -4.34 -33.58 -13.28
CA VAL B 256 -5.37 -32.66 -12.75
C VAL B 256 -4.82 -31.26 -12.60
N GLY B 257 -5.55 -30.31 -13.14
CA GLY B 257 -5.41 -28.87 -12.95
C GLY B 257 -6.49 -28.36 -11.99
N VAL B 258 -6.24 -27.22 -11.40
CA VAL B 258 -7.16 -26.52 -10.50
C VAL B 258 -7.35 -25.12 -11.02
N ALA B 259 -8.58 -24.71 -11.29
CA ALA B 259 -8.91 -23.37 -11.80
C ALA B 259 -10.09 -22.74 -11.08
N ARG B 260 -10.23 -21.45 -11.30
N ARG B 260 -10.24 -21.45 -11.32
CA ARG B 260 -11.42 -20.74 -10.80
CA ARG B 260 -11.41 -20.73 -10.79
C ARG B 260 -12.65 -21.25 -11.53
C ARG B 260 -12.65 -21.20 -11.53
N LEU B 261 -13.77 -21.18 -10.84
CA LEU B 261 -15.06 -21.49 -11.50
C LEU B 261 -15.32 -20.43 -12.54
N PRO B 262 -15.79 -20.81 -13.75
CA PRO B 262 -16.06 -19.80 -14.75
C PRO B 262 -17.17 -18.82 -14.39
N ALA B 263 -17.09 -17.64 -15.01
CA ALA B 263 -18.11 -16.58 -14.98
C ALA B 263 -19.19 -16.82 -16.01
N VAL B 264 -20.32 -16.16 -15.77
CA VAL B 264 -21.34 -16.08 -16.85
C VAL B 264 -20.87 -14.91 -17.74
N LYS B 265 -21.42 -14.83 -18.94
CA LYS B 265 -21.24 -13.71 -19.91
C LYS B 265 -21.28 -12.39 -19.15
N GLY B 266 -20.16 -11.67 -19.18
CA GLY B 266 -20.00 -10.33 -18.57
C GLY B 266 -19.98 -10.32 -17.04
N GLY B 267 -19.88 -11.48 -16.41
CA GLY B 267 -19.90 -11.60 -14.94
C GLY B 267 -18.52 -11.81 -14.35
N GLU B 268 -18.53 -12.12 -13.08
CA GLU B 268 -17.33 -12.37 -12.25
C GLU B 268 -17.15 -13.87 -11.99
N GLN B 269 -15.91 -14.31 -11.86
CA GLN B 269 -15.62 -15.68 -11.40
C GLN B 269 -15.82 -15.72 -9.90
N THR B 270 -16.68 -16.60 -9.43
CA THR B 270 -17.04 -16.70 -8.00
C THR B 270 -16.96 -18.16 -7.58
N THR B 271 -16.81 -18.41 -6.31
CA THR B 271 -16.94 -19.78 -5.76
C THR B 271 -17.64 -19.69 -4.43
N CYS B 272 -18.05 -20.84 -3.92
N CYS B 272 -17.93 -20.84 -3.88
CA CYS B 272 -18.73 -20.95 -2.60
CA CYS B 272 -18.67 -20.95 -2.60
C CYS B 272 -17.66 -21.13 -1.50
C CYS B 272 -17.71 -21.22 -1.44
N LEU B 273 -17.81 -20.44 -0.37
CA LEU B 273 -17.03 -20.68 0.88
C LEU B 273 -17.54 -21.91 1.58
N GLY B 274 -16.64 -22.82 1.94
CA GLY B 274 -16.96 -23.93 2.82
C GLY B 274 -16.06 -23.92 4.06
N GLY B 275 -15.76 -25.09 4.54
CA GLY B 275 -14.92 -25.22 5.74
C GLY B 275 -15.67 -25.00 7.03
N TRP B 276 -14.93 -24.78 8.10
CA TRP B 276 -15.42 -24.87 9.50
C TRP B 276 -14.86 -23.67 10.27
N GLU B 277 -15.54 -23.38 11.35
CA GLU B 277 -15.29 -22.21 12.20
C GLU B 277 -15.31 -22.60 13.65
N PHE B 278 -14.87 -21.69 14.51
CA PHE B 278 -14.98 -21.86 15.97
C PHE B 278 -15.97 -20.88 16.58
N GLY B 279 -16.79 -21.36 17.50
CA GLY B 279 -17.66 -20.52 18.32
C GLY B 279 -17.41 -20.76 19.77
N VAL B 280 -17.89 -19.85 20.59
CA VAL B 280 -17.89 -20.03 22.05
C VAL B 280 -19.32 -20.33 22.49
N SER B 281 -19.56 -21.35 23.27
CA SER B 281 -20.92 -21.63 23.77
C SER B 281 -21.43 -20.50 24.67
N ALA B 282 -22.65 -20.04 24.41
CA ALA B 282 -23.34 -19.05 25.25
C ALA B 282 -23.54 -19.63 26.65
N TYR B 283 -23.48 -20.93 26.83
CA TYR B 283 -23.76 -21.58 28.14
C TYR B 283 -22.43 -21.80 28.88
N SER B 284 -21.31 -21.59 28.23
CA SER B 284 -20.01 -21.75 28.90
C SER B 284 -19.98 -20.88 30.19
N LYS B 285 -19.32 -21.44 31.21
CA LYS B 285 -19.07 -20.68 32.48
C LYS B 285 -17.71 -20.00 32.41
N GLN B 286 -17.00 -20.12 31.28
CA GLN B 286 -15.60 -19.64 31.11
C GLN B 286 -15.51 -18.81 29.83
N GLN B 287 -16.34 -17.78 29.71
CA GLN B 287 -16.49 -17.00 28.47
C GLN B 287 -15.13 -16.44 28.05
N ASP B 288 -14.44 -15.74 28.96
CA ASP B 288 -13.24 -14.96 28.57
C ASP B 288 -12.11 -15.94 28.20
N GLU B 289 -11.93 -17.05 28.94
CA GLU B 289 -10.87 -18.05 28.59
C GLU B 289 -11.23 -18.79 27.30
N ALA B 290 -12.52 -19.10 27.12
CA ALA B 290 -12.95 -19.74 25.85
C ALA B 290 -12.64 -18.85 24.66
N LYS B 291 -12.95 -17.57 24.75
CA LYS B 291 -12.66 -16.61 23.65
C LYS B 291 -11.17 -16.54 23.39
N LYS B 292 -10.35 -16.52 24.41
CA LYS B 292 -8.89 -16.45 24.22
C LYS B 292 -8.40 -17.72 23.52
N LEU B 293 -8.95 -18.88 23.84
CA LEU B 293 -8.56 -20.10 23.12
C LEU B 293 -8.96 -20.01 21.65
N VAL B 294 -10.16 -19.51 21.34
CA VAL B 294 -10.58 -19.41 19.94
C VAL B 294 -9.68 -18.42 19.23
N GLU B 295 -9.31 -17.31 19.88
CA GLU B 295 -8.41 -16.34 19.24
C GLU B 295 -7.06 -16.97 18.91
N TYR B 296 -6.56 -17.81 19.78
CA TYR B 296 -5.30 -18.55 19.49
C TYR B 296 -5.48 -19.55 18.33
N LEU B 297 -6.55 -20.34 18.37
CA LEU B 297 -6.74 -21.40 17.34
C LEU B 297 -7.06 -20.84 15.96
N SER B 298 -7.47 -19.58 15.88
CA SER B 298 -7.77 -18.85 14.62
C SER B 298 -6.67 -17.85 14.28
N SER B 299 -5.55 -17.88 15.00
CA SER B 299 -4.40 -16.99 14.71
C SER B 299 -3.73 -17.48 13.43
N GLN B 300 -3.03 -16.57 12.77
CA GLN B 300 -2.33 -16.93 11.53
C GLN B 300 -1.27 -18.01 11.79
N ASP B 301 -0.51 -17.94 12.88
CA ASP B 301 0.53 -18.95 13.09
C ASP B 301 -0.10 -20.31 13.34
N VAL B 302 -1.27 -20.42 13.97
CA VAL B 302 -1.94 -21.75 14.11
C VAL B 302 -2.52 -22.17 12.75
N SER B 303 -3.13 -21.28 12.01
CA SER B 303 -3.62 -21.68 10.67
C SER B 303 -2.45 -22.25 9.82
N LYS B 304 -1.24 -21.68 9.94
CA LYS B 304 -0.08 -22.21 9.21
C LYS B 304 0.26 -23.62 9.71
N PHE B 305 0.31 -23.77 11.03
CA PHE B 305 0.64 -25.09 11.64
C PHE B 305 -0.35 -26.13 11.12
N MET B 306 -1.64 -25.80 11.04
CA MET B 306 -2.66 -26.78 10.66
C MET B 306 -2.61 -27.02 9.14
N ALA B 307 -2.15 -26.06 8.33
CA ALA B 307 -1.91 -26.32 6.89
C ALA B 307 -0.81 -27.37 6.80
N ILE B 308 0.30 -27.11 7.43
CA ILE B 308 1.48 -28.01 7.27
C ILE B 308 1.20 -29.38 7.87
N ASN B 309 0.56 -29.47 9.02
CA ASN B 309 0.46 -30.73 9.80
C ASN B 309 -0.85 -31.48 9.56
N ALA B 310 -1.87 -30.87 8.99
CA ALA B 310 -3.16 -31.54 8.70
C ALA B 310 -3.62 -31.32 7.27
N ALA B 311 -2.88 -30.57 6.44
CA ALA B 311 -3.28 -30.27 5.05
C ALA B 311 -4.64 -29.56 5.03
N LEU B 312 -4.90 -28.72 6.03
CA LEU B 312 -6.14 -27.89 6.08
C LEU B 312 -5.89 -26.58 5.33
N LEU B 313 -6.79 -26.21 4.41
N LEU B 313 -6.77 -26.22 4.39
CA LEU B 313 -6.60 -24.93 3.67
CA LEU B 313 -6.62 -24.94 3.66
C LEU B 313 -6.67 -23.76 4.64
C LEU B 313 -6.66 -23.77 4.66
N PRO B 314 -5.67 -22.88 4.62
CA PRO B 314 -5.62 -21.79 5.57
C PRO B 314 -6.59 -20.64 5.32
N THR B 315 -6.80 -19.85 6.36
CA THR B 315 -7.83 -18.82 6.36
C THR B 315 -7.24 -17.45 6.10
N TYR B 316 -5.94 -17.35 5.83
CA TYR B 316 -5.22 -16.09 5.54
C TYR B 316 -4.56 -16.27 4.17
N ALA B 317 -4.78 -15.31 3.29
CA ALA B 317 -4.18 -15.38 1.93
C ALA B 317 -2.66 -15.50 1.96
N ALA B 318 -2.00 -14.81 2.89
CA ALA B 318 -0.53 -14.83 2.93
C ALA B 318 -0.02 -16.25 3.06
N LEU B 319 -0.74 -17.14 3.74
CA LEU B 319 -0.23 -18.50 3.98
C LEU B 319 -0.19 -19.34 2.71
N TYR B 320 -0.97 -19.01 1.68
CA TYR B 320 -0.93 -19.73 0.40
C TYR B 320 0.35 -19.34 -0.35
N LYS B 321 1.07 -18.31 0.08
CA LYS B 321 2.35 -17.85 -0.54
C LYS B 321 3.52 -18.28 0.32
N ASP B 322 3.27 -18.80 1.52
CA ASP B 322 4.35 -19.07 2.50
C ASP B 322 5.15 -20.25 1.97
N ALA B 323 6.48 -20.14 1.92
CA ALA B 323 7.31 -21.18 1.29
C ALA B 323 7.23 -22.54 2.04
N ASP B 324 7.03 -22.55 3.34
CA ASP B 324 6.88 -23.80 4.13
C ASP B 324 5.56 -24.47 3.75
N VAL B 325 4.50 -23.68 3.62
CA VAL B 325 3.17 -24.26 3.25
C VAL B 325 3.22 -24.81 1.83
N THR B 326 3.75 -24.07 0.86
CA THR B 326 3.70 -24.53 -0.55
C THR B 326 4.69 -25.64 -0.78
N LYS B 327 5.81 -25.69 -0.07
CA LYS B 327 6.70 -26.86 -0.21
C LYS B 327 5.99 -28.11 0.31
N THR B 328 5.20 -27.99 1.38
CA THR B 328 4.52 -29.15 1.98
C THR B 328 3.35 -29.59 1.09
N ILE B 329 2.51 -28.64 0.66
CA ILE B 329 1.28 -28.93 -0.16
C ILE B 329 1.31 -28.03 -1.38
N PRO B 330 2.02 -28.44 -2.47
CA PRO B 330 2.21 -27.52 -3.59
C PRO B 330 0.94 -26.98 -4.22
N TRP B 331 -0.12 -27.78 -4.28
CA TRP B 331 -1.34 -27.33 -5.00
C TRP B 331 -2.00 -26.15 -4.27
N PHE B 332 -1.67 -25.87 -3.00
CA PHE B 332 -2.26 -24.70 -2.32
C PHE B 332 -1.88 -23.41 -3.07
N ALA B 333 -0.77 -23.38 -3.85
CA ALA B 333 -0.46 -22.20 -4.69
C ALA B 333 -1.56 -22.00 -5.72
N ASP B 334 -2.06 -23.09 -6.28
CA ASP B 334 -3.12 -22.98 -7.32
C ASP B 334 -4.48 -22.78 -6.64
N ALA B 335 -4.67 -23.16 -5.37
CA ALA B 335 -5.94 -22.93 -4.64
C ALA B 335 -6.11 -21.45 -4.37
N LEU B 336 -5.04 -20.69 -4.14
CA LEU B 336 -5.17 -19.27 -3.71
C LEU B 336 -6.10 -18.45 -4.61
N PRO B 337 -5.83 -18.35 -5.94
CA PRO B 337 -6.68 -17.49 -6.76
C PRO B 337 -8.16 -17.90 -6.74
N VAL B 338 -8.45 -19.17 -6.43
CA VAL B 338 -9.85 -19.66 -6.33
C VAL B 338 -10.43 -19.22 -5.00
N VAL B 339 -9.76 -19.47 -3.86
CA VAL B 339 -10.39 -19.15 -2.55
C VAL B 339 -10.57 -17.63 -2.41
N GLU B 340 -9.77 -16.84 -3.10
CA GLU B 340 -9.93 -15.38 -3.08
C GLU B 340 -11.21 -14.93 -3.79
N THR B 341 -11.91 -15.82 -4.47
CA THR B 341 -13.17 -15.47 -5.17
C THR B 341 -14.35 -16.04 -4.38
N ALA B 342 -14.14 -16.54 -3.18
CA ALA B 342 -15.23 -17.21 -2.41
C ALA B 342 -16.27 -16.18 -1.92
N LYS B 343 -17.52 -16.62 -1.93
CA LYS B 343 -18.67 -15.87 -1.38
C LYS B 343 -19.36 -16.75 -0.35
N ALA B 344 -19.91 -16.19 0.72
CA ALA B 344 -20.69 -16.95 1.70
C ALA B 344 -22.10 -17.24 1.15
N ARG B 345 -22.52 -18.45 1.39
CA ARG B 345 -23.95 -18.83 1.26
C ARG B 345 -24.77 -17.95 2.17
N PRO B 346 -26.08 -17.76 1.88
CA PRO B 346 -26.93 -16.91 2.68
C PRO B 346 -26.71 -17.12 4.18
N VAL B 347 -26.43 -15.99 4.80
CA VAL B 347 -26.18 -15.91 6.26
C VAL B 347 -27.51 -15.65 6.95
N THR B 348 -28.09 -16.67 7.51
CA THR B 348 -29.49 -16.61 8.01
C THR B 348 -29.73 -17.75 8.98
N PRO B 349 -30.47 -17.49 10.08
CA PRO B 349 -30.77 -18.55 11.05
C PRO B 349 -31.61 -19.72 10.51
N ARG B 350 -32.46 -19.47 9.52
CA ARG B 350 -33.29 -20.58 8.97
C ARG B 350 -32.63 -21.10 7.68
N TYR B 351 -31.31 -21.25 7.74
CA TYR B 351 -30.54 -21.74 6.58
C TYR B 351 -31.06 -23.11 6.14
N ASN B 352 -31.47 -23.99 7.02
CA ASN B 352 -31.86 -25.34 6.56
C ASN B 352 -33.07 -25.24 5.63
N GLU B 353 -33.99 -24.35 5.96
CA GLU B 353 -35.22 -24.18 5.15
C GLU B 353 -34.85 -23.45 3.86
N VAL B 354 -33.93 -22.50 3.86
CA VAL B 354 -33.42 -21.83 2.63
C VAL B 354 -32.78 -22.87 1.70
N SER B 355 -31.91 -23.71 2.24
CA SER B 355 -31.23 -24.80 1.48
C SER B 355 -32.26 -25.75 0.89
N GLU B 356 -33.17 -26.26 1.70
CA GLU B 356 -34.22 -27.17 1.20
C GLU B 356 -34.98 -26.52 0.03
N THR B 357 -35.31 -25.26 0.13
CA THR B 357 -36.11 -24.56 -0.90
C THR B 357 -35.28 -24.55 -2.20
N ILE B 358 -34.03 -24.13 -2.12
CA ILE B 358 -33.20 -23.95 -3.36
C ILE B 358 -32.87 -25.31 -3.94
N ARG B 359 -32.41 -26.28 -3.15
CA ARG B 359 -32.00 -27.57 -3.74
C ARG B 359 -33.21 -28.26 -4.40
N THR B 360 -34.41 -28.11 -3.86
CA THR B 360 -35.66 -28.70 -4.43
C THR B 360 -35.85 -28.17 -5.86
N THR B 361 -35.73 -26.86 -6.03
CA THR B 361 -35.94 -26.22 -7.34
C THR B 361 -34.82 -26.63 -8.27
N VAL B 362 -33.57 -26.60 -7.87
CA VAL B 362 -32.45 -26.95 -8.78
C VAL B 362 -32.62 -28.38 -9.26
N ASN B 363 -32.88 -29.34 -8.37
CA ASN B 363 -33.01 -30.75 -8.77
C ASN B 363 -34.24 -30.91 -9.65
N GLY B 364 -35.33 -30.22 -9.36
CA GLY B 364 -36.54 -30.37 -10.18
C GLY B 364 -36.33 -29.91 -11.59
N VAL B 365 -35.66 -28.80 -11.77
CA VAL B 365 -35.32 -28.30 -13.13
C VAL B 365 -34.42 -29.31 -13.81
N LEU B 366 -33.38 -29.80 -13.16
CA LEU B 366 -32.43 -30.70 -13.85
C LEU B 366 -33.06 -32.05 -14.17
N ALA B 367 -34.03 -32.47 -13.35
CA ALA B 367 -34.75 -33.75 -13.55
C ALA B 367 -35.82 -33.61 -14.64
N GLY B 368 -36.14 -32.42 -15.12
CA GLY B 368 -37.15 -32.18 -16.18
C GLY B 368 -38.55 -32.15 -15.61
N VAL B 369 -38.78 -31.78 -14.36
N VAL B 369 -38.68 -32.07 -14.30
CA VAL B 369 -40.16 -31.72 -13.78
CA VAL B 369 -39.98 -32.09 -13.58
C VAL B 369 -40.55 -30.28 -13.42
C VAL B 369 -40.65 -30.71 -13.71
N MET B 370 -39.73 -29.33 -13.78
N MET B 370 -39.88 -29.62 -13.84
CA MET B 370 -40.00 -27.91 -13.52
CA MET B 370 -40.40 -28.23 -13.97
C MET B 370 -39.25 -27.13 -14.59
C MET B 370 -39.42 -27.36 -14.77
N THR B 371 -39.87 -26.18 -15.22
CA THR B 371 -39.09 -25.25 -16.08
C THR B 371 -38.24 -24.33 -15.24
N PRO B 372 -37.16 -23.75 -15.81
CA PRO B 372 -36.45 -22.69 -15.10
C PRO B 372 -37.34 -21.54 -14.61
N GLU B 373 -38.28 -21.05 -15.48
CA GLU B 373 -39.15 -19.91 -15.08
C GLU B 373 -40.04 -20.31 -13.91
N ASP B 374 -40.68 -21.47 -13.99
CA ASP B 374 -41.62 -21.85 -12.88
C ASP B 374 -40.76 -22.07 -11.62
N GLY B 375 -39.58 -22.67 -11.77
CA GLY B 375 -38.63 -22.96 -10.68
C GLY B 375 -38.27 -21.69 -9.95
N ALA B 376 -37.93 -20.65 -10.67
CA ALA B 376 -37.59 -19.39 -10.01
C ALA B 376 -38.80 -18.83 -9.25
N LYS B 377 -40.01 -18.90 -9.82
CA LYS B 377 -41.20 -18.38 -9.10
C LYS B 377 -41.47 -19.21 -7.83
N GLN B 378 -41.36 -20.53 -7.87
CA GLN B 378 -41.58 -21.37 -6.67
C GLN B 378 -40.49 -21.01 -5.63
N MET B 379 -39.23 -20.87 -6.07
CA MET B 379 -38.13 -20.67 -5.13
C MET B 379 -38.40 -19.31 -4.44
N GLU B 380 -38.76 -18.27 -5.17
CA GLU B 380 -38.95 -16.93 -4.55
C GLU B 380 -40.13 -16.98 -3.57
N SER B 381 -41.23 -17.63 -3.94
CA SER B 381 -42.44 -17.63 -3.06
C SER B 381 -42.09 -18.39 -1.77
N ARG B 382 -41.37 -19.50 -1.87
CA ARG B 382 -41.04 -20.30 -0.65
C ARG B 382 -40.00 -19.55 0.19
N LEU B 383 -39.01 -18.93 -0.44
CA LEU B 383 -38.00 -18.13 0.35
C LEU B 383 -38.68 -16.95 1.06
N ARG B 384 -39.67 -16.35 0.42
CA ARG B 384 -40.35 -15.18 1.01
C ARG B 384 -41.06 -15.58 2.30
N ARG B 385 -41.62 -16.79 2.33
CA ARG B 385 -42.30 -17.31 3.55
C ARG B 385 -41.26 -17.53 4.65
N VAL B 386 -40.10 -18.08 4.28
CA VAL B 386 -39.06 -18.42 5.29
C VAL B 386 -38.44 -17.15 5.86
N LEU B 387 -38.24 -16.10 5.04
CA LEU B 387 -37.40 -14.90 5.32
C LEU B 387 -38.26 -13.64 5.42
N MET C 1 -20.80 51.38 -24.01
CA MET C 1 -20.11 50.15 -23.50
C MET C 1 -18.74 50.56 -22.96
N ASP C 2 -18.49 50.34 -21.67
CA ASP C 2 -17.17 50.54 -21.05
C ASP C 2 -17.00 49.38 -20.06
N ALA C 3 -16.06 48.48 -20.30
CA ALA C 3 -15.77 47.37 -19.36
C ALA C 3 -14.27 47.11 -19.40
N GLU C 4 -13.67 46.92 -18.25
CA GLU C 4 -12.29 46.45 -18.12
C GLU C 4 -12.36 45.13 -17.40
N LEU C 5 -12.11 44.07 -18.08
CA LEU C 5 -12.28 42.71 -17.52
C LEU C 5 -10.89 42.20 -17.11
N LYS C 6 -10.74 41.75 -15.88
CA LYS C 6 -9.50 41.14 -15.41
C LYS C 6 -9.66 39.64 -15.46
N ILE C 7 -8.69 38.99 -16.08
CA ILE C 7 -8.69 37.51 -16.24
C ILE C 7 -7.43 36.95 -15.58
N PHE C 8 -7.63 35.91 -14.78
CA PHE C 8 -6.50 35.20 -14.12
C PHE C 8 -6.08 34.06 -15.02
N VAL C 9 -4.89 34.19 -15.57
CA VAL C 9 -4.18 33.12 -16.33
C VAL C 9 -2.76 33.05 -15.78
N SER C 10 -2.41 31.97 -15.11
CA SER C 10 -1.09 31.84 -14.47
C SER C 10 -0.01 31.69 -15.55
N SER C 11 1.24 31.88 -15.11
CA SER C 11 2.42 31.85 -16.00
C SER C 11 2.65 30.47 -16.60
N GLN C 12 2.03 29.42 -16.06
CA GLN C 12 2.15 28.03 -16.55
C GLN C 12 1.34 27.80 -17.82
N HIS C 13 0.40 28.74 -18.15
CA HIS C 13 -0.66 28.40 -19.13
C HIS C 13 -0.57 29.28 -20.37
N GLN C 14 0.66 29.74 -20.69
CA GLN C 14 0.98 30.49 -21.93
C GLN C 14 0.08 31.73 -22.05
N PRO C 15 0.06 32.57 -21.01
CA PRO C 15 -0.74 33.79 -21.08
C PRO C 15 -0.28 34.68 -22.25
N ASP C 16 0.95 34.57 -22.67
CA ASP C 16 1.44 35.31 -23.89
C ASP C 16 0.61 34.97 -25.15
N ILE C 17 0.13 33.74 -25.25
CA ILE C 17 -0.65 33.33 -26.43
C ILE C 17 -2.10 33.70 -26.21
N TRP C 18 -2.66 33.48 -25.00
CA TRP C 18 -4.03 33.93 -24.71
C TRP C 18 -4.11 35.45 -24.97
N ARG C 19 -3.04 36.20 -24.74
CA ARG C 19 -3.01 37.67 -24.93
C ARG C 19 -3.33 37.98 -26.40
N LYS C 20 -2.86 37.19 -27.33
CA LYS C 20 -3.11 37.43 -28.78
C LYS C 20 -4.59 37.18 -29.07
N ALA C 21 -5.24 36.16 -28.50
CA ALA C 21 -6.68 35.96 -28.66
C ALA C 21 -7.45 37.14 -28.03
N LEU C 22 -7.03 37.59 -26.87
CA LEU C 22 -7.69 38.72 -26.16
C LEU C 22 -7.57 40.01 -27.01
N ASP C 23 -6.41 40.22 -27.66
CA ASP C 23 -6.25 41.43 -28.51
C ASP C 23 -7.30 41.35 -29.62
N GLN C 24 -7.51 40.18 -30.23
CA GLN C 24 -8.52 40.06 -31.32
C GLN C 24 -9.89 40.36 -30.75
N TYR C 25 -10.24 39.93 -29.54
CA TYR C 25 -11.53 40.20 -28.91
C TYR C 25 -11.70 41.71 -28.72
N GLU C 26 -10.71 42.39 -28.16
CA GLU C 26 -10.84 43.84 -27.94
C GLU C 26 -11.05 44.54 -29.27
N ALA C 27 -10.37 44.09 -30.32
CA ALA C 27 -10.45 44.80 -31.62
C ALA C 27 -11.84 44.71 -32.26
N LYS C 28 -12.63 43.71 -31.90
CA LYS C 28 -13.98 43.52 -32.48
C LYS C 28 -15.05 43.80 -31.43
N THR C 29 -14.70 44.22 -30.21
CA THR C 29 -15.66 44.39 -29.12
C THR C 29 -15.43 45.79 -28.55
N PRO C 30 -16.07 46.82 -29.16
CA PRO C 30 -15.84 48.20 -28.80
C PRO C 30 -16.06 48.48 -27.32
N GLY C 31 -15.13 49.15 -26.67
CA GLY C 31 -15.28 49.58 -25.27
C GLY C 31 -14.91 48.52 -24.26
N VAL C 32 -14.52 47.33 -24.68
CA VAL C 32 -14.13 46.23 -23.78
C VAL C 32 -12.62 46.03 -23.80
N LYS C 33 -11.96 46.26 -22.66
CA LYS C 33 -10.51 45.99 -22.42
C LYS C 33 -10.38 44.75 -21.54
N VAL C 34 -9.37 43.94 -21.83
CA VAL C 34 -9.09 42.75 -21.01
C VAL C 34 -7.66 42.86 -20.51
N VAL C 35 -7.47 42.64 -19.23
CA VAL C 35 -6.16 42.67 -18.59
C VAL C 35 -5.85 41.29 -18.03
N ILE C 36 -4.68 40.73 -18.32
CA ILE C 36 -4.23 39.46 -17.72
C ILE C 36 -3.57 39.69 -16.38
N GLU C 37 -4.04 38.97 -15.38
CA GLU C 37 -3.38 38.89 -14.07
C GLU C 37 -2.78 37.49 -13.98
N THR C 38 -1.45 37.35 -13.83
CA THR C 38 -0.83 36.03 -13.74
C THR C 38 -0.75 35.58 -12.27
N GLY C 39 -1.02 36.43 -11.31
CA GLY C 39 -1.29 36.04 -9.90
C GLY C 39 -0.13 36.35 -8.94
N GLY C 40 0.94 36.95 -9.40
CA GLY C 40 2.08 37.33 -8.52
C GLY C 40 3.42 36.79 -9.01
N ASN C 41 4.47 37.11 -8.23
CA ASN C 41 5.84 37.01 -8.78
C ASN C 41 6.41 35.62 -8.65
N THR C 42 5.86 34.83 -7.75
CA THR C 42 6.37 33.47 -7.52
C THR C 42 5.29 32.46 -7.85
N SER C 43 5.69 31.23 -8.14
CA SER C 43 4.77 30.09 -8.29
C SER C 43 3.86 30.04 -7.06
N GLU C 44 4.38 30.24 -5.84
CA GLU C 44 3.56 30.13 -4.60
C GLU C 44 2.52 31.28 -4.54
N MET C 45 2.89 32.49 -4.89
CA MET C 45 1.90 33.58 -4.90
C MET C 45 0.79 33.30 -5.92
N GLN C 46 1.15 32.80 -7.12
CA GLN C 46 0.15 32.55 -8.19
C GLN C 46 -0.83 31.53 -7.60
N ALA C 47 -0.33 30.56 -6.83
CA ALA C 47 -1.14 29.48 -6.20
C ALA C 47 -2.02 30.01 -5.09
N GLN C 48 -1.80 31.22 -4.58
CA GLN C 48 -2.68 31.76 -3.52
C GLN C 48 -3.58 32.90 -4.04
N TYR C 49 -3.44 33.28 -5.31
CA TYR C 49 -4.11 34.49 -5.83
C TYR C 49 -5.65 34.36 -5.69
N LEU C 50 -6.17 33.26 -6.16
N LEU C 50 -6.22 33.28 -6.19
CA LEU C 50 -7.63 33.13 -6.33
CA LEU C 50 -7.71 33.18 -6.29
C LEU C 50 -8.28 33.05 -4.93
C LEU C 50 -8.27 33.15 -4.87
N ASN C 51 -7.59 32.41 -3.99
CA ASN C 51 -8.05 32.30 -2.59
C ASN C 51 -8.04 33.70 -1.95
N THR C 52 -7.03 34.50 -2.28
CA THR C 52 -6.88 35.90 -1.84
C THR C 52 -8.04 36.77 -2.35
N VAL C 53 -8.39 36.72 -3.64
CA VAL C 53 -9.53 37.52 -4.21
C VAL C 53 -10.81 37.13 -3.49
N MET C 54 -11.02 35.87 -3.42
CA MET C 54 -12.31 35.33 -2.96
C MET C 54 -12.48 35.54 -1.44
N SER C 55 -11.44 35.41 -0.63
CA SER C 55 -11.53 35.69 0.81
C SER C 55 -12.02 37.12 1.03
N ALA C 56 -11.51 38.05 0.21
CA ALA C 56 -11.85 39.49 0.25
C ALA C 56 -13.18 39.77 -0.47
N LYS C 57 -13.75 38.81 -1.20
CA LYS C 57 -14.92 39.04 -2.12
C LYS C 57 -14.56 40.22 -3.03
N ASP C 58 -13.34 40.22 -3.50
CA ASP C 58 -12.76 41.30 -4.34
C ASP C 58 -13.42 41.24 -5.71
N SER C 59 -14.19 42.26 -6.02
CA SER C 59 -15.06 42.34 -7.21
C SER C 59 -14.20 42.63 -8.45
N SER C 60 -12.90 42.88 -8.33
CA SER C 60 -12.09 43.33 -9.48
C SER C 60 -11.79 42.15 -10.42
N LEU C 61 -11.86 40.91 -9.97
CA LEU C 61 -11.57 39.75 -10.85
C LEU C 61 -12.85 39.41 -11.61
N ASP C 62 -12.75 39.23 -12.92
CA ASP C 62 -13.96 38.90 -13.73
C ASP C 62 -13.94 37.45 -14.17
N VAL C 63 -12.83 36.97 -14.70
CA VAL C 63 -12.69 35.63 -15.33
C VAL C 63 -11.48 34.93 -14.72
N LEU C 64 -11.61 33.64 -14.52
CA LEU C 64 -10.50 32.82 -13.93
C LEU C 64 -10.32 31.53 -14.71
N MET C 65 -9.08 31.18 -14.98
CA MET C 65 -8.72 29.83 -15.48
C MET C 65 -8.63 28.90 -14.26
N LEU C 66 -9.20 27.71 -14.31
CA LEU C 66 -9.29 26.78 -13.17
C LEU C 66 -9.05 25.36 -13.65
N ASP C 67 -8.46 24.57 -12.80
CA ASP C 67 -8.14 23.17 -13.14
C ASP C 67 -9.46 22.37 -13.30
N VAL C 68 -9.47 21.43 -14.23
CA VAL C 68 -10.61 20.52 -14.48
C VAL C 68 -11.06 19.83 -13.18
N ILE C 69 -10.20 19.69 -12.17
CA ILE C 69 -10.65 19.01 -10.89
C ILE C 69 -11.40 19.93 -9.97
N ARG C 70 -11.42 21.23 -10.23
CA ARG C 70 -12.00 22.23 -9.29
C ARG C 70 -13.45 22.70 -9.50
N PRO C 71 -14.16 22.47 -10.63
CA PRO C 71 -15.51 23.04 -10.79
C PRO C 71 -16.42 22.88 -9.56
N ALA C 72 -16.50 21.67 -9.01
CA ALA C 72 -17.46 21.45 -7.90
C ALA C 72 -17.02 22.24 -6.68
N GLN C 73 -15.77 22.16 -6.30
CA GLN C 73 -15.24 22.89 -5.14
C GLN C 73 -15.55 24.39 -5.30
N PHE C 74 -15.21 24.97 -6.43
CA PHE C 74 -15.34 26.42 -6.64
C PHE C 74 -16.81 26.80 -6.62
N ALA C 75 -17.68 26.04 -7.25
CA ALA C 75 -19.14 26.34 -7.28
C ALA C 75 -19.66 26.31 -5.83
N THR C 76 -19.31 25.30 -5.05
CA THR C 76 -19.79 25.15 -3.63
C THR C 76 -19.22 26.28 -2.74
N ALA C 77 -18.00 26.73 -2.96
CA ALA C 77 -17.35 27.82 -2.20
C ALA C 77 -17.99 29.16 -2.52
N GLY C 78 -18.84 29.25 -3.53
CA GLY C 78 -19.48 30.51 -3.97
C GLY C 78 -18.53 31.34 -4.83
N TRP C 79 -17.54 30.74 -5.49
CA TRP C 79 -16.50 31.49 -6.25
C TRP C 79 -16.97 31.75 -7.66
N THR C 80 -17.87 30.98 -8.21
CA THR C 80 -18.17 31.04 -9.66
C THR C 80 -19.64 31.26 -9.95
N SER C 81 -19.92 31.89 -11.08
CA SER C 81 -21.30 32.09 -11.59
C SER C 81 -21.61 31.03 -12.63
N ASP C 82 -22.73 30.35 -12.53
CA ASP C 82 -23.02 29.26 -13.48
C ASP C 82 -23.38 29.81 -14.85
N PHE C 83 -23.19 29.02 -15.87
CA PHE C 83 -23.68 29.28 -17.25
C PHE C 83 -25.12 28.74 -17.38
N SER C 84 -26.12 29.60 -17.10
CA SER C 84 -27.58 29.33 -17.08
C SER C 84 -28.00 28.66 -18.40
N GLY C 85 -28.56 27.46 -18.33
CA GLY C 85 -29.14 26.75 -19.51
C GLY C 85 -28.11 26.28 -20.52
N LYS C 86 -26.83 26.35 -20.17
CA LYS C 86 -25.78 25.90 -21.08
C LYS C 86 -25.75 24.38 -21.09
N ASP C 87 -25.29 23.83 -22.17
CA ASP C 87 -24.94 22.40 -22.27
C ASP C 87 -23.62 22.37 -23.07
N LEU C 88 -22.92 21.32 -22.84
N LEU C 88 -22.91 21.34 -22.86
CA LEU C 88 -21.62 21.19 -23.52
CA LEU C 88 -21.60 21.19 -23.52
C LEU C 88 -21.64 20.14 -24.64
C LEU C 88 -21.64 20.14 -24.64
N SER C 89 -22.75 20.04 -25.37
CA SER C 89 -22.91 19.04 -26.46
C SER C 89 -21.92 19.20 -27.62
N ALA C 90 -21.38 20.39 -27.87
CA ALA C 90 -20.49 20.58 -29.03
C ALA C 90 -19.08 20.11 -28.71
N TYR C 91 -18.73 20.03 -27.44
CA TYR C 91 -17.34 19.70 -27.04
C TYR C 91 -17.17 18.18 -26.98
N LEU C 92 -15.95 17.70 -26.67
CA LEU C 92 -15.72 16.27 -26.38
C LEU C 92 -16.73 15.84 -25.32
N PRO C 93 -17.29 14.64 -25.47
CA PRO C 93 -18.33 14.16 -24.56
C PRO C 93 -17.99 14.21 -23.08
N THR C 94 -16.71 14.01 -22.72
CA THR C 94 -16.29 14.00 -21.30
C THR C 94 -16.64 15.31 -20.61
N TYR C 95 -16.67 16.43 -21.33
CA TYR C 95 -16.89 17.74 -20.67
C TYR C 95 -18.25 17.85 -19.94
N ALA C 96 -19.26 17.13 -20.42
CA ALA C 96 -20.56 17.20 -19.72
C ALA C 96 -20.38 16.66 -18.29
N GLU C 97 -19.69 15.56 -18.11
CA GLU C 97 -19.48 14.99 -16.77
C GLU C 97 -18.54 15.91 -15.97
N ALA C 98 -17.50 16.45 -16.57
CA ALA C 98 -16.49 17.21 -15.79
C ALA C 98 -17.01 18.56 -15.28
N ASN C 99 -17.81 19.24 -16.10
N ASN C 99 -17.82 19.22 -16.10
CA ASN C 99 -18.18 20.65 -15.79
CA ASN C 99 -18.21 20.63 -15.81
C ASN C 99 -19.61 20.83 -15.28
C ASN C 99 -19.62 20.83 -15.26
N THR C 100 -20.33 19.74 -15.02
CA THR C 100 -21.72 19.78 -14.52
C THR C 100 -21.68 19.40 -13.04
N VAL C 101 -22.19 20.25 -12.16
CA VAL C 101 -22.22 19.99 -10.68
C VAL C 101 -23.66 20.20 -10.21
N ASN C 102 -24.29 19.18 -9.63
CA ASN C 102 -25.70 19.33 -9.16
C ASN C 102 -26.56 19.84 -10.35
N GLY C 103 -26.32 19.39 -11.59
CA GLY C 103 -27.10 19.77 -12.79
C GLY C 103 -26.73 21.12 -13.41
N LYS C 104 -25.79 21.85 -12.82
CA LYS C 104 -25.42 23.22 -13.26
C LYS C 104 -24.10 23.18 -14.03
N ILE C 105 -24.02 23.91 -15.15
CA ILE C 105 -22.73 24.08 -15.87
C ILE C 105 -21.98 25.18 -15.14
N VAL C 106 -20.87 24.83 -14.56
CA VAL C 106 -20.18 25.78 -13.68
C VAL C 106 -18.91 26.36 -14.31
N ALA C 107 -18.47 25.90 -15.46
CA ALA C 107 -17.25 26.38 -16.14
C ALA C 107 -17.30 25.93 -17.58
N LEU C 108 -16.61 26.63 -18.46
CA LEU C 108 -16.52 26.21 -19.87
C LEU C 108 -15.08 25.72 -20.15
N PRO C 109 -14.89 24.74 -21.06
CA PRO C 109 -13.57 24.27 -21.39
C PRO C 109 -12.64 25.36 -21.94
N ALA C 110 -11.40 25.30 -21.47
CA ALA C 110 -10.35 26.22 -21.99
C ALA C 110 -9.47 25.40 -22.93
N PHE C 111 -8.85 24.30 -22.49
CA PHE C 111 -8.07 23.38 -23.35
C PHE C 111 -8.05 22.00 -22.68
N ALA C 112 -7.85 20.97 -23.46
CA ALA C 112 -7.87 19.57 -23.01
C ALA C 112 -6.49 19.12 -22.59
N ASP C 113 -6.47 17.99 -21.87
CA ASP C 113 -5.26 17.18 -21.71
C ASP C 113 -5.75 15.75 -21.45
N SER C 114 -4.84 14.79 -21.57
CA SER C 114 -5.16 13.36 -21.37
C SER C 114 -3.86 12.72 -20.93
N MET C 115 -3.96 11.61 -20.23
CA MET C 115 -2.78 10.69 -20.16
C MET C 115 -2.73 9.92 -21.48
N PHE C 116 -1.52 9.65 -21.94
CA PHE C 116 -1.21 8.84 -23.12
C PHE C 116 -0.29 7.71 -22.69
N LEU C 117 -0.29 6.60 -23.43
CA LEU C 117 0.80 5.60 -23.39
C LEU C 117 1.83 6.03 -24.44
N TYR C 118 2.88 6.69 -24.00
CA TYR C 118 4.04 6.98 -24.88
C TYR C 118 4.89 5.71 -24.94
N TYR C 119 5.39 5.34 -26.10
CA TYR C 119 6.20 4.10 -26.26
C TYR C 119 7.36 4.35 -27.23
N ARG C 120 8.41 3.57 -27.01
CA ARG C 120 9.56 3.52 -27.93
C ARG C 120 9.22 2.59 -29.12
N LYS C 121 8.78 3.20 -30.18
CA LYS C 121 8.39 2.40 -31.37
C LYS C 121 9.64 1.76 -31.99
N ASP C 122 10.81 2.36 -31.88
CA ASP C 122 12.03 1.72 -32.40
C ASP C 122 12.25 0.38 -31.67
N LEU C 123 12.07 0.34 -30.35
CA LEU C 123 12.30 -0.89 -29.57
C LEU C 123 11.22 -1.91 -29.89
N LEU C 124 9.93 -1.54 -29.88
CA LEU C 124 8.87 -2.56 -30.14
C LEU C 124 9.12 -3.15 -31.53
N ASP C 125 9.43 -2.27 -32.48
CA ASP C 125 9.58 -2.68 -33.90
C ASP C 125 10.79 -3.62 -34.08
N LYS C 126 11.84 -3.43 -33.32
CA LYS C 126 13.06 -4.29 -33.40
C LYS C 126 12.68 -5.73 -33.05
N TYR C 127 11.66 -5.94 -32.20
CA TYR C 127 11.24 -7.26 -31.67
C TYR C 127 9.89 -7.67 -32.26
N GLY C 128 9.38 -6.92 -33.23
CA GLY C 128 8.17 -7.26 -33.99
C GLY C 128 6.90 -7.15 -33.15
N ILE C 129 6.89 -6.29 -32.12
CA ILE C 129 5.75 -6.17 -31.15
C ILE C 129 4.82 -5.00 -31.51
N LYS C 130 3.52 -5.25 -31.52
CA LYS C 130 2.45 -4.23 -31.69
C LYS C 130 2.29 -3.43 -30.39
N PRO C 131 1.84 -2.17 -30.42
CA PRO C 131 1.52 -1.48 -29.18
C PRO C 131 0.51 -2.32 -28.41
N PRO C 132 0.66 -2.40 -27.07
CA PRO C 132 -0.20 -3.29 -26.27
C PRO C 132 -1.59 -2.67 -26.04
N THR C 133 -2.61 -3.51 -26.07
CA THR C 133 -4.01 -3.05 -25.80
C THR C 133 -4.44 -3.52 -24.40
N THR C 134 -3.70 -4.45 -23.78
CA THR C 134 -4.01 -4.89 -22.40
C THR C 134 -2.74 -4.80 -21.55
N TRP C 135 -2.91 -4.76 -20.24
CA TRP C 135 -1.73 -4.73 -19.36
C TRP C 135 -0.91 -6.02 -19.50
N ASP C 136 -1.55 -7.16 -19.72
CA ASP C 136 -0.80 -8.42 -19.94
C ASP C 136 0.04 -8.28 -21.22
N GLU C 137 -0.50 -7.71 -22.29
CA GLU C 137 0.34 -7.51 -23.51
C GLU C 137 1.50 -6.58 -23.15
N LEU C 138 1.27 -5.54 -22.35
CA LEU C 138 2.35 -4.59 -21.99
C LEU C 138 3.46 -5.30 -21.20
N LYS C 139 3.06 -6.18 -20.29
CA LYS C 139 4.03 -6.98 -19.51
C LYS C 139 4.85 -7.86 -20.44
N GLU C 140 4.20 -8.56 -21.35
CA GLU C 140 4.88 -9.52 -22.26
C GLU C 140 5.82 -8.71 -23.19
N ALA C 141 5.41 -7.55 -23.65
CA ALA C 141 6.23 -6.70 -24.54
C ALA C 141 7.46 -6.26 -23.76
N SER C 142 7.24 -5.79 -22.55
CA SER C 142 8.34 -5.28 -21.72
C SER C 142 9.36 -6.40 -21.49
N LYS C 143 8.90 -7.60 -21.18
CA LYS C 143 9.86 -8.71 -20.94
C LYS C 143 10.66 -9.01 -22.21
N LYS C 144 10.02 -9.01 -23.37
CA LYS C 144 10.72 -9.35 -24.64
C LYS C 144 11.80 -8.30 -24.91
N VAL C 145 11.41 -7.04 -24.83
CA VAL C 145 12.35 -5.96 -25.18
C VAL C 145 13.49 -5.97 -24.15
N MET C 146 13.19 -6.04 -22.86
CA MET C 146 14.23 -5.95 -21.82
C MET C 146 15.19 -7.15 -21.92
N GLU C 147 14.70 -8.33 -22.22
CA GLU C 147 15.58 -9.52 -22.35
C GLU C 147 16.47 -9.30 -23.58
N GLY C 148 15.95 -8.74 -24.66
CA GLY C 148 16.72 -8.56 -25.89
C GLY C 148 17.76 -7.47 -25.76
N GLU C 149 17.44 -6.36 -25.12
CA GLU C 149 18.33 -5.17 -25.11
C GLU C 149 19.46 -5.37 -24.09
N LYS C 150 19.24 -6.11 -23.02
CA LYS C 150 20.24 -6.29 -21.94
C LYS C 150 20.86 -4.93 -21.61
N ASN C 151 20.03 -3.92 -21.41
CA ASN C 151 20.41 -2.52 -21.08
C ASN C 151 20.05 -2.27 -19.61
N PRO C 152 20.98 -2.24 -18.63
CA PRO C 152 20.61 -2.12 -17.23
C PRO C 152 19.80 -0.87 -16.88
N GLU C 153 19.86 0.18 -17.67
CA GLU C 153 19.09 1.43 -17.39
C GLU C 153 17.69 1.33 -18.00
N LEU C 154 17.36 0.35 -18.83
CA LEU C 154 16.05 0.39 -19.52
C LEU C 154 14.95 -0.10 -18.58
N GLN C 155 13.99 0.77 -18.30
CA GLN C 155 12.77 0.47 -17.52
C GLN C 155 11.69 0.01 -18.47
N GLY C 156 10.88 -0.96 -18.05
CA GLY C 156 9.73 -1.37 -18.88
C GLY C 156 8.63 -0.32 -18.91
N LEU C 157 8.17 0.09 -17.72
CA LEU C 157 7.02 1.01 -17.61
C LEU C 157 7.33 2.02 -16.53
N SER C 158 7.17 3.30 -16.85
CA SER C 158 7.22 4.39 -15.85
C SER C 158 5.82 4.96 -15.68
N PHE C 159 5.36 5.08 -14.44
CA PHE C 159 4.07 5.63 -14.04
C PHE C 159 4.30 6.35 -12.73
N GLN C 160 3.35 7.18 -12.34
CA GLN C 160 3.54 8.02 -11.13
C GLN C 160 3.01 7.31 -9.89
N GLY C 161 3.95 7.09 -8.97
CA GLY C 161 3.67 6.45 -7.66
C GLY C 161 3.93 7.29 -6.45
N LYS C 162 4.44 8.50 -6.63
CA LYS C 162 4.56 9.47 -5.52
C LYS C 162 3.16 9.83 -5.02
N ALA C 163 3.00 10.26 -3.77
CA ALA C 163 1.72 10.67 -3.19
C ALA C 163 1.32 12.06 -3.70
N ILE C 164 0.99 12.10 -4.99
CA ILE C 164 0.67 13.32 -5.77
C ILE C 164 -0.60 13.04 -6.58
N GLU C 165 -1.17 14.10 -7.14
CA GLU C 165 -2.42 13.98 -7.92
C GLU C 165 -2.29 12.92 -9.04
N GLY C 166 -1.12 12.81 -9.67
CA GLY C 166 -0.90 11.80 -10.72
C GLY C 166 -1.18 10.37 -10.24
N ALA C 167 -0.92 10.06 -8.98
CA ALA C 167 -1.21 8.71 -8.45
C ALA C 167 -2.71 8.46 -8.34
N VAL C 168 -3.55 9.48 -8.21
CA VAL C 168 -5.03 9.29 -8.25
C VAL C 168 -5.39 8.80 -9.66
N CYS C 169 -4.83 9.47 -10.66
CA CYS C 169 -5.04 9.11 -12.10
C CYS C 169 -4.58 7.66 -12.30
N THR C 170 -3.41 7.33 -11.78
CA THR C 170 -2.87 5.95 -11.85
C THR C 170 -3.89 4.96 -11.29
N PHE C 171 -4.38 5.19 -10.10
CA PHE C 171 -5.37 4.26 -9.48
C PHE C 171 -6.62 4.08 -10.35
N LEU C 172 -7.12 5.17 -10.92
CA LEU C 172 -8.41 5.16 -11.64
C LEU C 172 -8.33 4.43 -13.00
N LEU C 173 -7.17 4.40 -13.66
CA LEU C 173 -7.13 3.77 -15.02
C LEU C 173 -7.67 2.31 -14.99
N PRO C 174 -7.16 1.38 -14.16
CA PRO C 174 -7.70 0.01 -14.13
C PRO C 174 -9.10 -0.10 -13.48
N TYR C 175 -9.39 0.82 -12.59
CA TYR C 175 -10.72 0.88 -11.92
C TYR C 175 -11.80 1.22 -12.95
N TRP C 176 -11.58 2.28 -13.71
CA TRP C 176 -12.49 2.67 -14.82
C TRP C 176 -12.48 1.58 -15.90
N SER C 177 -11.35 0.93 -16.14
CA SER C 177 -11.26 -0.12 -17.20
C SER C 177 -12.25 -1.24 -16.91
N GLU C 178 -12.49 -1.53 -15.62
CA GLU C 178 -13.45 -2.56 -15.16
C GLU C 178 -14.89 -2.05 -15.33
N GLY C 179 -15.10 -0.82 -15.72
CA GLY C 179 -16.43 -0.24 -15.96
C GLY C 179 -17.05 0.37 -14.73
N LYS C 180 -16.25 0.70 -13.73
CA LYS C 180 -16.70 1.13 -12.40
C LYS C 180 -16.51 2.63 -12.30
N SER C 181 -17.40 3.28 -11.60
CA SER C 181 -17.26 4.69 -11.22
C SER C 181 -17.08 4.68 -9.72
N LEU C 182 -16.31 5.62 -9.22
CA LEU C 182 -16.05 5.71 -7.79
C LEU C 182 -17.04 6.70 -7.18
N VAL C 183 -17.31 7.79 -7.86
CA VAL C 183 -18.21 8.87 -7.38
C VAL C 183 -19.24 9.18 -8.47
N GLU C 184 -20.52 9.09 -8.12
CA GLU C 184 -21.64 9.35 -9.05
C GLU C 184 -22.58 10.32 -8.35
N ASN C 185 -22.91 11.47 -8.95
CA ASN C 185 -23.78 12.49 -8.32
C ASN C 185 -23.23 12.85 -6.94
N GLY C 186 -21.91 12.92 -6.80
CA GLY C 186 -21.23 13.38 -5.57
C GLY C 186 -21.19 12.33 -4.47
N LYS C 187 -21.68 11.12 -4.75
CA LYS C 187 -21.88 10.03 -3.75
C LYS C 187 -20.93 8.88 -4.02
N LEU C 188 -20.50 8.23 -2.96
CA LEU C 188 -19.52 7.11 -3.06
C LEU C 188 -20.20 5.84 -3.55
N ASN C 189 -19.63 5.25 -4.59
CA ASN C 189 -19.99 3.88 -5.03
C ASN C 189 -18.71 3.06 -5.14
N PHE C 190 -18.22 2.53 -4.03
CA PHE C 190 -16.90 1.87 -3.95
C PHE C 190 -17.02 0.42 -4.39
N ASP C 191 -16.32 0.05 -5.46
CA ASP C 191 -16.22 -1.36 -5.89
C ASP C 191 -14.94 -1.93 -5.33
N ASN C 192 -15.05 -2.82 -4.35
CA ASN C 192 -13.88 -3.39 -3.67
C ASN C 192 -12.99 -4.15 -4.66
N LYS C 193 -13.57 -5.02 -5.47
CA LYS C 193 -12.75 -5.88 -6.37
C LYS C 193 -11.96 -4.99 -7.32
N ALA C 194 -12.59 -4.01 -7.91
CA ALA C 194 -11.92 -3.15 -8.90
C ALA C 194 -10.81 -2.36 -8.21
N ALA C 195 -11.03 -1.95 -6.97
CA ALA C 195 -10.03 -1.18 -6.21
C ALA C 195 -8.82 -2.03 -5.84
N VAL C 196 -9.08 -3.24 -5.31
CA VAL C 196 -7.98 -4.19 -5.02
C VAL C 196 -7.22 -4.55 -6.29
N ASP C 197 -7.95 -4.78 -7.36
CA ASP C 197 -7.29 -5.22 -8.62
C ASP C 197 -6.41 -4.09 -9.17
N SER C 198 -6.84 -2.84 -9.03
CA SER C 198 -6.01 -1.71 -9.50
C SER C 198 -4.72 -1.63 -8.69
N LEU C 199 -4.83 -1.68 -7.36
CA LEU C 199 -3.63 -1.63 -6.49
C LEU C 199 -2.71 -2.84 -6.78
N LYS C 200 -3.32 -4.03 -6.95
CA LYS C 200 -2.48 -5.21 -7.28
C LYS C 200 -1.76 -5.06 -8.63
N LEU C 201 -2.42 -4.43 -9.58
CA LEU C 201 -1.81 -4.30 -10.93
C LEU C 201 -0.56 -3.44 -10.81
N TRP C 202 -0.69 -2.26 -10.22
CA TRP C 202 0.48 -1.35 -10.15
C TRP C 202 1.61 -2.01 -9.36
N LYS C 203 1.27 -2.68 -8.26
CA LYS C 203 2.30 -3.39 -7.47
C LYS C 203 2.96 -4.49 -8.34
N SER C 204 2.17 -5.18 -9.15
CA SER C 204 2.72 -6.32 -9.93
C SER C 204 3.83 -5.85 -10.86
N PHE C 205 3.78 -4.63 -11.39
CA PHE C 205 4.85 -4.16 -12.29
C PHE C 205 6.16 -4.10 -11.52
N VAL C 206 6.10 -3.65 -10.27
CA VAL C 206 7.31 -3.55 -9.41
C VAL C 206 7.81 -4.96 -9.06
N ASP C 207 6.91 -5.82 -8.62
CA ASP C 207 7.28 -7.21 -8.25
C ASP C 207 7.88 -7.93 -9.46
N ASP C 208 7.36 -7.73 -10.65
CA ASP C 208 7.81 -8.46 -11.87
C ASP C 208 9.08 -7.82 -12.47
N GLY C 209 9.55 -6.68 -11.97
CA GLY C 209 10.75 -5.98 -12.47
C GLY C 209 10.46 -5.16 -13.73
N ILE C 210 9.20 -5.09 -14.15
N ILE C 210 9.20 -5.04 -14.11
CA ILE C 210 8.75 -4.29 -15.33
CA ILE C 210 8.82 -4.26 -15.31
C ILE C 210 8.87 -2.80 -14.98
C ILE C 210 8.81 -2.77 -15.00
N SER C 211 8.65 -2.45 -13.80
CA SER C 211 8.86 -1.09 -13.24
C SER C 211 9.96 -1.13 -12.17
N LYS C 212 10.65 -0.02 -12.01
CA LYS C 212 11.77 0.05 -11.03
C LYS C 212 11.24 -0.10 -9.59
N LYS C 213 12.15 -0.47 -8.71
CA LYS C 213 11.76 -0.77 -7.31
C LYS C 213 11.25 0.47 -6.58
N ASN C 214 11.72 1.65 -6.95
CA ASN C 214 11.33 2.90 -6.26
C ASN C 214 10.32 3.71 -7.09
N ILE C 215 9.42 3.01 -7.78
CA ILE C 215 8.35 3.73 -8.53
C ILE C 215 7.53 4.60 -7.56
N SER C 216 7.48 4.26 -6.28
CA SER C 216 6.78 5.08 -5.27
C SER C 216 7.37 6.49 -5.15
N GLU C 217 8.57 6.73 -5.70
CA GLU C 217 9.23 8.05 -5.65
C GLU C 217 9.09 8.81 -6.98
N VAL C 218 8.35 8.28 -7.95
CA VAL C 218 8.31 8.87 -9.32
C VAL C 218 7.14 9.85 -9.44
N ALA C 219 7.51 11.09 -9.78
CA ALA C 219 6.55 12.18 -10.10
C ALA C 219 6.37 12.27 -11.62
N THR C 220 5.42 13.10 -12.03
CA THR C 220 5.09 13.24 -13.45
C THR C 220 6.33 13.59 -14.29
N ASP C 221 7.12 14.58 -13.86
CA ASP C 221 8.24 15.07 -14.69
C ASP C 221 9.47 14.13 -14.58
N ASP C 222 9.48 13.23 -13.59
CA ASP C 222 10.50 12.15 -13.52
C ASP C 222 10.25 11.13 -14.65
N THR C 223 9.00 10.71 -14.82
CA THR C 223 8.63 9.85 -15.96
C THR C 223 9.06 10.52 -17.26
N ARG C 224 8.75 11.82 -17.38
CA ARG C 224 9.12 12.55 -18.62
C ARG C 224 10.64 12.50 -18.84
N LYS C 225 11.43 12.89 -17.84
CA LYS C 225 12.88 13.02 -18.02
C LYS C 225 13.49 11.66 -18.35
N GLU C 226 13.02 10.61 -17.70
CA GLU C 226 13.66 9.27 -17.82
C GLU C 226 13.31 8.67 -19.18
N PHE C 227 12.08 8.89 -19.68
CA PHE C 227 11.73 8.44 -21.06
C PHE C 227 12.58 9.25 -22.08
N GLN C 228 12.63 10.56 -21.90
CA GLN C 228 13.36 11.46 -22.83
C GLN C 228 14.83 11.02 -22.92
N ALA C 229 15.38 10.50 -21.84
CA ALA C 229 16.80 10.06 -21.78
C ALA C 229 17.03 8.73 -22.48
N GLY C 230 15.98 8.10 -22.98
CA GLY C 230 16.11 6.82 -23.69
C GLY C 230 16.02 5.63 -22.77
N LYS C 231 15.53 5.82 -21.53
CA LYS C 231 15.64 4.76 -20.52
C LYS C 231 14.30 4.15 -20.09
N VAL C 232 13.27 4.34 -20.92
CA VAL C 232 11.90 3.84 -20.58
C VAL C 232 11.21 3.36 -21.86
N LEU C 233 10.74 2.13 -21.86
CA LEU C 233 10.02 1.57 -23.03
C LEU C 233 8.60 2.17 -23.14
N PHE C 234 7.85 2.15 -22.01
CA PHE C 234 6.46 2.65 -21.92
C PHE C 234 6.36 3.70 -20.84
N ALA C 235 5.79 4.84 -21.16
CA ALA C 235 5.62 5.90 -20.14
C ALA C 235 4.18 6.41 -20.11
N VAL C 236 3.59 6.51 -18.94
CA VAL C 236 2.28 7.19 -18.79
C VAL C 236 2.56 8.68 -18.59
N ASN C 237 2.03 9.54 -19.44
CA ASN C 237 2.26 10.98 -19.22
C ASN C 237 1.21 11.76 -19.98
N TRP C 238 1.33 13.07 -19.91
CA TRP C 238 0.35 14.05 -20.41
C TRP C 238 0.87 14.67 -21.71
N SER C 239 0.11 15.60 -22.30
CA SER C 239 0.46 16.08 -23.65
C SER C 239 1.74 16.90 -23.64
N TYR C 240 2.12 17.56 -22.55
CA TYR C 240 3.32 18.45 -22.59
C TYR C 240 4.56 17.63 -22.92
N ALA C 241 4.58 16.33 -22.68
CA ALA C 241 5.83 15.54 -22.77
C ALA C 241 6.26 15.42 -24.23
N TRP C 242 5.34 15.37 -25.19
CA TRP C 242 5.69 15.17 -26.63
C TRP C 242 6.71 16.21 -27.09
N THR C 243 6.49 17.48 -26.83
CA THR C 243 7.38 18.55 -27.36
C THR C 243 8.76 18.32 -26.76
N HIS C 244 8.85 17.90 -25.50
CA HIS C 244 10.18 17.62 -24.88
C HIS C 244 10.82 16.47 -25.63
N PHE C 245 10.11 15.39 -25.87
CA PHE C 245 10.64 14.19 -26.54
C PHE C 245 11.18 14.53 -27.95
N GLN C 246 10.56 15.51 -28.63
CA GLN C 246 10.98 15.88 -30.01
C GLN C 246 11.87 17.13 -30.04
N GLY C 247 12.36 17.63 -28.91
CA GLY C 247 13.17 18.86 -28.84
C GLY C 247 14.67 18.60 -28.89
N LYS C 248 15.43 19.64 -28.54
CA LYS C 248 16.92 19.79 -28.67
C LYS C 248 17.70 18.86 -27.74
N GLU C 249 17.13 18.47 -26.59
CA GLU C 249 17.89 17.79 -25.52
C GLU C 249 17.26 16.43 -25.22
N SER C 250 16.99 15.67 -26.28
CA SER C 250 16.27 14.37 -26.20
C SER C 250 17.11 13.29 -26.83
N GLN C 251 17.00 12.07 -26.36
CA GLN C 251 17.61 10.86 -26.91
C GLN C 251 16.59 10.07 -27.71
N VAL C 252 15.35 10.58 -27.88
CA VAL C 252 14.25 9.75 -28.45
C VAL C 252 13.53 10.45 -29.62
N ASN C 253 14.12 11.45 -30.27
CA ASN C 253 13.49 12.17 -31.39
C ASN C 253 13.11 11.15 -32.45
N ASP C 254 11.86 11.22 -32.88
CA ASP C 254 11.33 10.40 -33.98
C ASP C 254 11.34 8.90 -33.63
N LYS C 255 11.43 8.54 -32.34
CA LYS C 255 11.39 7.14 -31.87
C LYS C 255 10.17 6.93 -30.94
N VAL C 256 9.23 7.85 -30.97
CA VAL C 256 8.10 7.80 -29.99
C VAL C 256 6.80 7.55 -30.75
N GLY C 257 6.03 6.58 -30.26
CA GLY C 257 4.59 6.45 -30.60
C GLY C 257 3.70 6.83 -29.44
N VAL C 258 2.45 7.12 -29.76
CA VAL C 258 1.37 7.46 -28.80
C VAL C 258 0.27 6.43 -28.98
N ALA C 259 -0.20 5.86 -27.87
CA ALA C 259 -1.27 4.87 -27.91
C ALA C 259 -2.25 5.15 -26.78
N ARG C 260 -3.40 4.50 -26.91
CA ARG C 260 -4.35 4.48 -25.80
C ARG C 260 -3.75 3.69 -24.63
N LEU C 261 -4.17 4.05 -23.43
CA LEU C 261 -3.73 3.30 -22.23
C LEU C 261 -4.33 1.88 -22.30
N PRO C 262 -3.56 0.83 -21.98
CA PRO C 262 -4.08 -0.50 -22.00
C PRO C 262 -5.26 -0.72 -21.06
N ALA C 263 -6.09 -1.67 -21.43
CA ALA C 263 -7.20 -2.18 -20.62
C ALA C 263 -6.72 -3.29 -19.71
N VAL C 264 -7.51 -3.51 -18.67
CA VAL C 264 -7.34 -4.72 -17.87
C VAL C 264 -8.01 -5.84 -18.69
N LYS C 265 -7.71 -7.08 -18.35
CA LYS C 265 -8.34 -8.30 -18.91
C LYS C 265 -9.84 -8.06 -19.03
N GLY C 266 -10.36 -8.06 -20.25
CA GLY C 266 -11.80 -7.97 -20.47
C GLY C 266 -12.38 -6.58 -20.33
N GLY C 267 -11.54 -5.56 -20.24
CA GLY C 267 -12.08 -4.23 -19.92
C GLY C 267 -11.92 -3.27 -21.05
N GLU C 268 -12.13 -2.00 -20.74
CA GLU C 268 -12.14 -0.87 -21.69
C GLU C 268 -10.82 -0.11 -21.58
N GLN C 269 -10.37 0.44 -22.70
CA GLN C 269 -9.21 1.37 -22.72
C GLN C 269 -9.67 2.77 -22.32
N THR C 270 -9.22 3.25 -21.17
CA THR C 270 -9.66 4.52 -20.58
C THR C 270 -8.45 5.40 -20.32
N THR C 271 -8.65 6.68 -20.28
CA THR C 271 -7.66 7.63 -19.79
C THR C 271 -8.32 8.67 -18.92
N CYS C 272 -7.51 9.55 -18.39
N CYS C 272 -7.51 9.52 -18.29
CA CYS C 272 -7.93 10.61 -17.45
CA CYS C 272 -7.99 10.62 -17.42
C CYS C 272 -7.93 11.98 -18.14
C CYS C 272 -7.98 11.93 -18.21
N LEU C 273 -9.07 12.67 -18.08
CA LEU C 273 -9.17 14.06 -18.60
C LEU C 273 -8.37 14.98 -17.68
N GLY C 274 -7.53 15.77 -18.30
CA GLY C 274 -6.83 16.90 -17.67
C GLY C 274 -7.21 18.24 -18.27
N GLY C 275 -6.28 19.14 -18.21
CA GLY C 275 -6.42 20.50 -18.74
C GLY C 275 -7.22 21.42 -17.87
N TRP C 276 -7.59 22.59 -18.42
CA TRP C 276 -8.08 23.75 -17.66
C TRP C 276 -9.37 24.28 -18.27
N GLU C 277 -10.15 24.95 -17.43
N GLU C 277 -10.02 25.12 -17.50
CA GLU C 277 -11.50 25.53 -17.71
CA GLU C 277 -11.35 25.64 -17.84
C GLU C 277 -11.46 27.04 -17.45
C GLU C 277 -11.45 27.10 -17.44
N PHE C 278 -12.52 27.74 -17.91
CA PHE C 278 -12.79 29.14 -17.59
C PHE C 278 -14.04 29.24 -16.75
N GLY C 279 -13.99 30.03 -15.72
CA GLY C 279 -15.15 30.42 -14.93
C GLY C 279 -15.28 31.93 -14.87
N VAL C 280 -16.46 32.36 -14.52
CA VAL C 280 -16.76 33.78 -14.20
C VAL C 280 -16.86 33.94 -12.70
N SER C 281 -16.16 34.92 -12.14
CA SER C 281 -16.25 35.14 -10.68
C SER C 281 -17.67 35.51 -10.25
N ALA C 282 -18.14 34.87 -9.18
CA ALA C 282 -19.42 35.23 -8.54
C ALA C 282 -19.38 36.66 -8.03
N TYR C 283 -18.21 37.21 -7.77
CA TYR C 283 -18.12 38.60 -7.25
C TYR C 283 -17.89 39.63 -8.34
N SER C 284 -17.77 39.22 -9.60
CA SER C 284 -17.63 40.20 -10.69
C SER C 284 -18.86 41.10 -10.73
N LYS C 285 -18.59 42.38 -11.03
CA LYS C 285 -19.65 43.38 -11.25
C LYS C 285 -19.86 43.61 -12.75
N GLN C 286 -19.30 42.76 -13.59
CA GLN C 286 -19.40 42.79 -15.07
C GLN C 286 -19.72 41.41 -15.62
N GLN C 287 -20.71 40.75 -15.09
N GLN C 287 -20.73 40.77 -15.01
CA GLN C 287 -20.83 39.34 -15.45
CA GLN C 287 -21.14 39.36 -15.28
C GLN C 287 -21.36 39.13 -16.88
C GLN C 287 -21.40 39.14 -16.78
N ASP C 288 -22.19 39.99 -17.42
CA ASP C 288 -22.60 39.77 -18.82
C ASP C 288 -21.38 39.88 -19.73
N GLU C 289 -20.55 40.90 -19.54
CA GLU C 289 -19.36 41.04 -20.41
C GLU C 289 -18.36 39.90 -20.11
N ALA C 290 -18.26 39.48 -18.86
CA ALA C 290 -17.37 38.35 -18.51
C ALA C 290 -17.85 37.06 -19.21
N LYS C 291 -19.16 36.79 -19.18
N LYS C 291 -19.15 36.79 -19.21
N LYS C 291 -19.16 36.79 -19.20
CA LYS C 291 -19.76 35.58 -19.81
CA LYS C 291 -19.71 35.56 -19.83
CA LYS C 291 -19.71 35.56 -19.84
C LYS C 291 -19.52 35.62 -21.33
C LYS C 291 -19.51 35.61 -21.34
C LYS C 291 -19.48 35.62 -21.36
N LYS C 292 -19.68 36.79 -21.95
CA LYS C 292 -19.40 36.91 -23.40
C LYS C 292 -17.92 36.66 -23.70
N LEU C 293 -17.01 37.14 -22.85
CA LEU C 293 -15.59 36.86 -23.10
C LEU C 293 -15.31 35.35 -22.97
N VAL C 294 -15.91 34.69 -21.99
CA VAL C 294 -15.67 33.23 -21.83
C VAL C 294 -16.24 32.47 -23.01
N GLU C 295 -17.41 32.88 -23.51
CA GLU C 295 -17.95 32.25 -24.72
C GLU C 295 -16.96 32.34 -25.85
N TYR C 296 -16.34 33.51 -26.03
CA TYR C 296 -15.31 33.65 -27.08
C TYR C 296 -14.10 32.73 -26.80
N LEU C 297 -13.56 32.79 -25.60
CA LEU C 297 -12.31 32.05 -25.28
C LEU C 297 -12.51 30.53 -25.39
N SER C 298 -13.76 30.06 -25.21
CA SER C 298 -14.13 28.63 -25.23
C SER C 298 -14.72 28.23 -26.59
N SER C 299 -14.77 29.17 -27.53
CA SER C 299 -15.31 28.94 -28.89
C SER C 299 -14.38 28.02 -29.68
N GLN C 300 -14.94 27.37 -30.70
CA GLN C 300 -14.15 26.47 -31.56
C GLN C 300 -13.02 27.25 -32.26
N ASP C 301 -13.28 28.49 -32.67
CA ASP C 301 -12.22 29.28 -33.35
C ASP C 301 -11.05 29.54 -32.39
N VAL C 302 -11.32 29.84 -31.13
CA VAL C 302 -10.22 30.14 -30.21
C VAL C 302 -9.53 28.83 -29.78
N SER C 303 -10.30 27.76 -29.58
CA SER C 303 -9.69 26.43 -29.35
C SER C 303 -8.69 26.13 -30.48
N LYS C 304 -9.12 26.34 -31.73
CA LYS C 304 -8.20 26.13 -32.89
C LYS C 304 -6.97 27.02 -32.77
N PHE C 305 -7.21 28.31 -32.53
CA PHE C 305 -6.09 29.29 -32.41
C PHE C 305 -5.07 28.77 -31.39
N MET C 306 -5.57 28.30 -30.23
CA MET C 306 -4.64 27.85 -29.16
C MET C 306 -3.95 26.52 -29.48
N ALA C 307 -4.59 25.67 -30.29
CA ALA C 307 -3.93 24.44 -30.78
C ALA C 307 -2.76 24.82 -31.69
N ILE C 308 -3.00 25.73 -32.62
CA ILE C 308 -1.96 26.12 -33.62
C ILE C 308 -0.88 26.98 -32.98
N ASN C 309 -1.21 27.87 -32.05
CA ASN C 309 -0.25 28.87 -31.54
C ASN C 309 0.37 28.49 -30.20
N ALA C 310 -0.27 27.57 -29.44
CA ALA C 310 0.24 27.17 -28.11
C ALA C 310 0.43 25.65 -28.01
N ALA C 311 0.06 24.89 -29.03
CA ALA C 311 0.18 23.42 -29.01
C ALA C 311 -0.63 22.81 -27.85
N LEU C 312 -1.78 23.39 -27.56
CA LEU C 312 -2.67 22.87 -26.51
C LEU C 312 -3.75 22.04 -27.17
N LEU C 313 -4.06 20.86 -26.61
CA LEU C 313 -5.06 19.99 -27.18
C LEU C 313 -6.41 20.69 -27.19
N PRO C 314 -7.12 20.63 -28.32
CA PRO C 314 -8.42 21.28 -28.41
C PRO C 314 -9.53 20.54 -27.69
N THR C 315 -10.66 21.22 -27.53
CA THR C 315 -11.80 20.70 -26.74
C THR C 315 -12.95 20.23 -27.64
N TYR C 316 -12.78 20.37 -28.94
CA TYR C 316 -13.75 19.94 -29.97
C TYR C 316 -13.12 18.82 -30.77
N ALA C 317 -13.84 17.72 -30.90
CA ALA C 317 -13.36 16.54 -31.67
C ALA C 317 -13.02 16.93 -33.12
N ALA C 318 -13.82 17.80 -33.74
CA ALA C 318 -13.63 18.15 -35.17
C ALA C 318 -12.27 18.82 -35.37
N LEU C 319 -11.72 19.51 -34.36
CA LEU C 319 -10.46 20.24 -34.54
C LEU C 319 -9.25 19.29 -34.66
N TYR C 320 -9.38 18.04 -34.20
CA TYR C 320 -8.33 17.01 -34.35
C TYR C 320 -8.25 16.52 -35.81
N LYS C 321 -9.25 16.84 -36.63
CA LYS C 321 -9.27 16.48 -38.10
C LYS C 321 -9.11 17.74 -38.95
N ASP C 322 -9.04 18.91 -38.34
CA ASP C 322 -8.88 20.19 -39.07
C ASP C 322 -7.51 20.24 -39.74
N ALA C 323 -7.43 20.51 -41.04
CA ALA C 323 -6.18 20.44 -41.83
C ALA C 323 -5.14 21.45 -41.32
N ASP C 324 -5.58 22.64 -40.86
CA ASP C 324 -4.64 23.67 -40.35
C ASP C 324 -4.04 23.17 -39.01
N VAL C 325 -4.87 22.54 -38.20
CA VAL C 325 -4.39 22.02 -36.88
C VAL C 325 -3.38 20.91 -37.15
N THR C 326 -3.71 19.95 -38.01
CA THR C 326 -2.85 18.75 -38.17
C THR C 326 -1.62 19.10 -39.02
N LYS C 327 -1.67 20.09 -39.90
CA LYS C 327 -0.43 20.59 -40.57
C LYS C 327 0.55 21.14 -39.52
N THR C 328 0.07 21.94 -38.58
CA THR C 328 0.93 22.64 -37.60
C THR C 328 1.42 21.64 -36.53
N ILE C 329 0.50 20.77 -36.06
CA ILE C 329 0.76 19.82 -34.93
C ILE C 329 0.38 18.42 -35.37
N PRO C 330 1.20 17.74 -36.19
CA PRO C 330 0.79 16.47 -36.78
C PRO C 330 0.40 15.40 -35.76
N TRP C 331 1.04 15.38 -34.58
CA TRP C 331 0.75 14.32 -33.60
C TRP C 331 -0.68 14.42 -33.02
N PHE C 332 -1.36 15.55 -33.14
CA PHE C 332 -2.77 15.67 -32.70
C PHE C 332 -3.67 14.68 -33.44
N ALA C 333 -3.30 14.24 -34.65
CA ALA C 333 -4.04 13.17 -35.32
C ALA C 333 -3.96 11.87 -34.53
N ASP C 334 -2.81 11.56 -33.92
CA ASP C 334 -2.68 10.33 -33.11
C ASP C 334 -3.24 10.54 -31.70
N ALA C 335 -3.24 11.78 -31.21
CA ALA C 335 -3.82 12.07 -29.87
C ALA C 335 -5.34 11.82 -29.86
N LEU C 336 -6.07 12.06 -30.94
CA LEU C 336 -7.54 12.05 -30.91
C LEU C 336 -8.12 10.74 -30.35
N PRO C 337 -7.74 9.56 -30.89
CA PRO C 337 -8.32 8.31 -30.37
C PRO C 337 -8.04 8.09 -28.89
N VAL C 338 -6.98 8.69 -28.35
CA VAL C 338 -6.70 8.59 -26.91
C VAL C 338 -7.64 9.53 -26.17
N VAL C 339 -7.67 10.79 -26.56
CA VAL C 339 -8.45 11.82 -25.87
C VAL C 339 -9.93 11.43 -25.87
N GLU C 340 -10.43 10.78 -26.89
CA GLU C 340 -11.85 10.34 -26.90
C GLU C 340 -12.15 9.28 -25.84
N THR C 341 -11.12 8.65 -25.23
CA THR C 341 -11.33 7.64 -24.16
C THR C 341 -11.22 8.29 -22.77
N ALA C 342 -11.06 9.62 -22.70
CA ALA C 342 -10.85 10.31 -21.39
C ALA C 342 -12.12 10.22 -20.56
N LYS C 343 -11.91 10.08 -19.26
CA LYS C 343 -12.97 10.13 -18.22
C LYS C 343 -12.61 11.21 -17.20
N ALA C 344 -13.64 11.78 -16.60
CA ALA C 344 -13.54 12.80 -15.54
C ALA C 344 -13.21 12.13 -14.23
N ARG C 345 -12.25 12.71 -13.53
CA ARG C 345 -12.02 12.34 -12.14
C ARG C 345 -13.28 12.64 -11.30
N PRO C 346 -13.46 12.03 -10.10
CA PRO C 346 -14.62 12.29 -9.23
C PRO C 346 -14.97 13.78 -9.08
N VAL C 347 -16.20 14.06 -9.46
CA VAL C 347 -16.73 15.46 -9.42
C VAL C 347 -17.36 15.68 -8.05
N THR C 348 -16.66 16.41 -7.18
CA THR C 348 -17.11 16.59 -5.77
C THR C 348 -16.45 17.83 -5.20
N PRO C 349 -17.18 18.63 -4.39
CA PRO C 349 -16.54 19.77 -3.73
C PRO C 349 -15.45 19.34 -2.77
N ARG C 350 -15.49 18.08 -2.29
CA ARG C 350 -14.48 17.58 -1.32
C ARG C 350 -13.43 16.77 -2.07
N TYR C 351 -13.08 17.22 -3.30
CA TYR C 351 -12.05 16.53 -4.11
C TYR C 351 -10.73 16.53 -3.36
N ASN C 352 -10.36 17.60 -2.66
CA ASN C 352 -9.03 17.63 -1.97
C ASN C 352 -8.91 16.38 -1.06
N GLU C 353 -9.94 16.14 -0.25
CA GLU C 353 -9.94 14.97 0.65
C GLU C 353 -9.98 13.64 -0.08
N VAL C 354 -10.72 13.56 -1.17
CA VAL C 354 -10.76 12.33 -2.01
C VAL C 354 -9.38 12.07 -2.62
N SER C 355 -8.78 13.08 -3.20
CA SER C 355 -7.42 12.95 -3.76
C SER C 355 -6.40 12.55 -2.71
N GLU C 356 -6.43 13.21 -1.55
CA GLU C 356 -5.44 12.88 -0.49
C GLU C 356 -5.60 11.41 -0.14
N THR C 357 -6.82 10.96 0.06
CA THR C 357 -7.10 9.56 0.44
C THR C 357 -6.48 8.61 -0.59
N ILE C 358 -6.80 8.82 -1.86
CA ILE C 358 -6.40 7.87 -2.92
C ILE C 358 -4.89 7.89 -3.11
N ARG C 359 -4.30 9.07 -3.21
CA ARG C 359 -2.85 9.12 -3.50
C ARG C 359 -2.03 8.55 -2.33
N THR C 360 -2.51 8.76 -1.11
CA THR C 360 -1.78 8.27 0.10
C THR C 360 -1.80 6.73 0.06
N THR C 361 -2.94 6.13 -0.26
CA THR C 361 -3.05 4.66 -0.37
C THR C 361 -2.19 4.14 -1.52
N VAL C 362 -2.28 4.72 -2.70
CA VAL C 362 -1.51 4.19 -3.85
C VAL C 362 -0.02 4.20 -3.49
N ASN C 363 0.47 5.33 -3.02
CA ASN C 363 1.89 5.47 -2.66
C ASN C 363 2.27 4.45 -1.57
N GLY C 364 1.45 4.30 -0.55
CA GLY C 364 1.75 3.35 0.55
C GLY C 364 1.84 1.93 0.04
N VAL C 365 0.94 1.54 -0.85
CA VAL C 365 1.00 0.17 -1.42
C VAL C 365 2.27 0.02 -2.25
N LEU C 366 2.61 1.02 -3.05
CA LEU C 366 3.78 0.87 -3.91
C LEU C 366 5.08 0.89 -3.11
N ALA C 367 5.09 1.56 -1.96
CA ALA C 367 6.26 1.65 -1.07
C ALA C 367 6.33 0.41 -0.18
N GLY C 368 5.33 -0.46 -0.19
CA GLY C 368 5.37 -1.69 0.62
C GLY C 368 4.94 -1.49 2.06
N VAL C 369 4.36 -0.33 2.35
CA VAL C 369 3.92 0.05 3.72
C VAL C 369 2.63 -0.70 4.09
N MET C 370 1.79 -0.98 3.09
CA MET C 370 0.57 -1.78 3.32
C MET C 370 0.29 -2.60 2.06
N THR C 371 -0.50 -3.65 2.22
CA THR C 371 -0.87 -4.53 1.07
C THR C 371 -1.94 -3.86 0.21
N PRO C 372 -2.10 -4.30 -1.06
CA PRO C 372 -3.20 -3.81 -1.87
C PRO C 372 -4.57 -4.02 -1.22
N GLU C 373 -4.74 -5.16 -0.57
CA GLU C 373 -6.03 -5.53 0.04
C GLU C 373 -6.34 -4.59 1.23
N ASP C 374 -5.38 -4.33 2.09
CA ASP C 374 -5.62 -3.39 3.23
C ASP C 374 -5.72 -1.96 2.69
N GLY C 375 -4.96 -1.66 1.63
CA GLY C 375 -5.06 -0.35 0.98
C GLY C 375 -6.46 -0.10 0.44
N ALA C 376 -7.11 -1.08 -0.19
CA ALA C 376 -8.46 -0.86 -0.71
C ALA C 376 -9.41 -0.62 0.47
N LYS C 377 -9.25 -1.37 1.56
CA LYS C 377 -10.16 -1.24 2.72
C LYS C 377 -9.99 0.13 3.37
N GLN C 378 -8.76 0.56 3.50
CA GLN C 378 -8.46 1.89 4.08
C GLN C 378 -9.02 3.02 3.20
N MET C 379 -8.85 2.89 1.89
CA MET C 379 -9.37 3.92 0.97
C MET C 379 -10.87 4.03 1.13
N GLU C 380 -11.59 2.91 1.15
CA GLU C 380 -13.07 2.95 1.27
C GLU C 380 -13.44 3.52 2.65
N SER C 381 -12.73 3.13 3.71
CA SER C 381 -13.08 3.64 5.07
C SER C 381 -12.92 5.16 5.14
N ARG C 382 -11.88 5.71 4.54
CA ARG C 382 -11.59 7.14 4.60
C ARG C 382 -12.56 7.87 3.70
N LEU C 383 -12.89 7.33 2.52
CA LEU C 383 -13.87 7.98 1.63
C LEU C 383 -15.26 7.97 2.24
N ARG C 384 -15.61 6.94 3.03
CA ARG C 384 -16.93 6.88 3.70
C ARG C 384 -17.10 8.02 4.73
N ARG C 385 -16.01 8.55 5.24
CA ARG C 385 -16.11 9.67 6.21
C ARG C 385 -16.34 10.99 5.49
N VAL C 386 -16.09 11.06 4.18
CA VAL C 386 -16.02 12.35 3.41
C VAL C 386 -17.25 12.49 2.52
N LEU C 387 -17.69 11.40 1.88
CA LEU C 387 -18.79 11.35 0.91
C LEU C 387 -19.96 10.56 1.49
N ARG C 388 -21.15 10.96 1.04
CA ARG C 388 -22.37 10.21 1.39
C ARG C 388 -22.39 8.98 0.48
N LEU C 389 -22.89 7.89 0.99
CA LEU C 389 -22.92 6.61 0.26
C LEU C 389 -24.04 6.63 -0.74
N GLU C 390 -23.80 6.07 -1.93
CA GLU C 390 -24.88 5.97 -2.93
C GLU C 390 -25.86 4.95 -2.37
C ACT D . 10.95 11.30 11.89
O ACT D . 10.64 10.32 12.52
OXT ACT D . 10.58 12.45 12.17
CH3 ACT D . 11.93 11.15 10.74
H1 ACT D . 12.14 12.02 10.37
H2 ACT D . 11.55 10.59 10.05
H3 ACT D . 12.75 10.73 11.07
C ACT E . 7.61 16.81 -33.75
O ACT E . 8.61 17.47 -34.07
OXT ACT E . 6.66 17.26 -33.09
CH3 ACT E . 7.59 15.33 -34.19
H1 ACT E . 8.40 15.11 -34.68
H2 ACT E . 6.82 15.16 -34.76
H3 ACT E . 7.53 14.75 -33.41
C ACT F . -1.97 18.53 -14.57
O ACT F . -2.54 17.49 -14.17
OXT ACT F . -1.14 18.53 -15.51
CH3 ACT F . -2.31 19.86 -13.88
H1 ACT F . -2.96 19.70 -13.17
H2 ACT F . -2.67 20.48 -14.53
H3 ACT F . -1.50 20.23 -13.48
#